data_2NRU
#
_entry.id   2NRU
#
_cell.length_a   145.303
_cell.length_b   141.292
_cell.length_c   88.423
_cell.angle_alpha   90.00
_cell.angle_beta   125.80
_cell.angle_gamma   90.00
#
_symmetry.space_group_name_H-M   'C 1 2 1'
#
loop_
_entity.id
_entity.type
_entity.pdbx_description
1 polymer 'Interleukin-1 receptor-associated kinase 4'
2 non-polymer 'SULFATE ION'
3 non-polymer '1-(3-HYDROXYPROPYL)-2-[(3-NITROBENZOYL)AMINO]-1H-BENZIMIDAZOL-5-YL PIVALATE'
4 water water
#
_entity_poly.entity_id   1
_entity_poly.type   'polypeptide(L)'
_entity_poly.pdbx_seq_one_letter_code
;ENKSLEVSDTRFHSFSFYELKNVTNNFDERPISVGGNKMGEGGFGVVYKGYVNNTTVAVKKLAAMVDITTEELKQQFDQE
IKVMAKCQHENLVELLGFSSDGDDLCLVYVYMPNGSLLDRLSCLDGTPPLSWHMRCKIAQGAANGINFLHENHHIHRDIK
SANILLDEAFTAKISDFGLARASEKFAQTVM(TPO)(SEP)RIVGTTAYMAPEALRGEITPKSDIYSFGVVLLEIITGLP
AVDEHREPQLLLDIKEEIEDEEKTIEDYIDKKMNDADSTSVEAMYSVASQCLHEKKNKRPDIKKVQQLLQEMTAS
;
_entity_poly.pdbx_strand_id   A,B,C,D
#
loop_
_chem_comp.id
_chem_comp.type
_chem_comp.name
_chem_comp.formula
SO4 non-polymer 'SULFATE ION' 'O4 S -2'
T12 non-polymer '1-(3-HYDROXYPROPYL)-2-[(3-NITROBENZOYL)AMINO]-1H-BENZIMIDAZOL-5-YL PIVALATE' 'C22 H24 N4 O6'
#
# COMPACT_ATOMS: atom_id res chain seq x y z
N ARG A 11 12.13 -36.78 28.45
CA ARG A 11 11.20 -35.68 28.92
C ARG A 11 11.43 -34.38 28.13
N PHE A 12 11.96 -33.37 28.81
CA PHE A 12 12.22 -32.05 28.26
C PHE A 12 13.66 -31.64 28.56
N HIS A 13 14.20 -30.64 27.85
CA HIS A 13 15.47 -30.07 28.31
C HIS A 13 15.31 -29.21 29.59
N SER A 14 16.32 -29.26 30.45
CA SER A 14 16.38 -28.38 31.62
C SER A 14 17.41 -27.28 31.38
N PHE A 15 16.92 -26.07 31.16
CA PHE A 15 17.80 -24.91 30.95
C PHE A 15 18.16 -24.33 32.30
N SER A 16 19.31 -23.68 32.39
CA SER A 16 19.62 -22.93 33.59
C SER A 16 18.91 -21.61 33.43
N PHE A 17 18.52 -21.04 34.56
CA PHE A 17 17.93 -19.71 34.64
C PHE A 17 18.84 -18.67 33.94
N TYR A 18 20.14 -18.86 34.11
CA TYR A 18 21.15 -17.94 33.61
C TYR A 18 21.21 -17.93 32.09
N GLU A 19 21.08 -19.12 31.50
CA GLU A 19 20.99 -19.27 30.06
C GLU A 19 19.76 -18.54 29.48
N LEU A 20 18.66 -18.55 30.24
CA LEU A 20 17.38 -18.00 29.77
C LEU A 20 17.38 -16.49 29.90
N LYS A 21 17.95 -16.03 31.02
CA LYS A 21 18.25 -14.62 31.28
C LYS A 21 19.09 -13.97 30.18
N ASN A 22 20.09 -14.72 29.70
CA ASN A 22 20.93 -14.33 28.56
C ASN A 22 20.17 -14.22 27.22
N VAL A 23 19.37 -15.25 26.93
CA VAL A 23 18.69 -15.33 25.61
C VAL A 23 17.58 -14.28 25.41
N THR A 24 17.12 -13.75 26.54
CA THR A 24 16.01 -12.81 26.64
C THR A 24 16.45 -11.40 27.04
N ASN A 25 17.77 -11.13 26.89
CA ASN A 25 18.42 -9.86 27.29
C ASN A 25 18.03 -9.32 28.63
N ASN A 26 18.27 -10.08 29.71
CA ASN A 26 17.95 -9.63 31.07
C ASN A 26 16.47 -9.76 31.40
N PHE A 27 15.73 -10.43 30.50
CA PHE A 27 14.25 -10.39 30.48
C PHE A 27 13.82 -8.95 30.27
N ASP A 28 14.27 -8.42 29.13
CA ASP A 28 14.14 -7.03 28.74
C ASP A 28 12.67 -6.71 28.38
N GLU A 29 12.10 -5.77 29.14
CA GLU A 29 10.66 -5.55 29.22
C GLU A 29 10.00 -4.70 28.14
N ARG A 30 10.79 -4.15 27.22
CA ARG A 30 10.18 -3.35 26.16
C ARG A 30 9.61 -4.25 25.06
N PRO A 31 8.60 -3.74 24.33
CA PRO A 31 8.17 -4.34 23.07
C PRO A 31 9.34 -4.63 22.14
N ILE A 32 9.21 -5.69 21.34
CA ILE A 32 10.18 -5.99 20.28
C ILE A 32 10.36 -4.80 19.32
N SER A 33 9.28 -4.03 19.10
CA SER A 33 9.34 -2.81 18.25
C SER A 33 10.53 -1.90 18.59
N VAL A 34 10.54 -1.36 19.80
CA VAL A 34 11.66 -0.55 20.27
C VAL A 34 12.90 -1.39 20.66
N GLY A 35 12.90 -2.67 20.27
CA GLY A 35 14.09 -3.53 20.48
C GLY A 35 14.23 -4.25 21.83
N GLY A 36 13.16 -4.31 22.62
CA GLY A 36 13.13 -5.13 23.84
C GLY A 36 12.75 -6.59 23.54
N ASN A 37 12.44 -7.35 24.58
CA ASN A 37 12.14 -8.78 24.44
C ASN A 37 10.72 -9.26 24.82
N LYS A 38 9.92 -8.36 25.39
CA LYS A 38 8.60 -8.74 25.87
C LYS A 38 7.65 -8.87 24.68
N MET A 39 6.94 -10.01 24.65
CA MET A 39 5.98 -10.37 23.60
C MET A 39 4.51 -10.27 24.08
N GLY A 40 4.25 -10.55 25.36
CA GLY A 40 2.90 -10.45 25.91
C GLY A 40 2.79 -10.79 27.39
N GLU A 41 1.66 -10.43 28.02
CA GLU A 41 1.41 -10.73 29.46
C GLU A 41 -0.03 -11.14 29.75
N GLY A 42 -0.19 -12.12 30.63
CA GLY A 42 -1.48 -12.34 31.29
C GLY A 42 -1.40 -11.84 32.73
N GLY A 43 -0.82 -12.67 33.59
CA GLY A 43 -0.75 -12.43 35.03
C GLY A 43 -0.36 -13.75 35.68
N PHE A 44 -0.52 -14.81 34.89
CA PHE A 44 0.15 -16.09 35.09
C PHE A 44 1.66 -15.82 35.06
N GLY A 45 2.05 -14.95 34.11
CA GLY A 45 3.45 -14.63 33.79
C GLY A 45 3.60 -13.65 32.63
N VAL A 46 4.82 -13.54 32.10
CA VAL A 46 5.17 -12.65 30.97
C VAL A 46 5.86 -13.50 29.92
N VAL A 47 5.58 -13.25 28.64
CA VAL A 47 6.21 -14.00 27.54
C VAL A 47 7.30 -13.19 26.83
N TYR A 48 8.47 -13.82 26.74
CA TYR A 48 9.67 -13.20 26.23
C TYR A 48 10.11 -13.89 24.99
N LYS A 49 10.52 -13.11 24.00
CA LYS A 49 11.15 -13.68 22.81
C LYS A 49 12.59 -14.13 23.13
N GLY A 50 12.88 -15.40 22.86
CA GLY A 50 14.20 -15.96 23.08
C GLY A 50 14.83 -16.53 21.82
N TYR A 51 16.16 -16.63 21.85
CA TYR A 51 16.99 -17.18 20.76
C TYR A 51 17.98 -18.13 21.40
N VAL A 52 17.80 -19.43 21.16
CA VAL A 52 18.78 -20.45 21.56
C VAL A 52 18.94 -21.49 20.45
N ASN A 53 20.16 -21.56 19.88
CA ASN A 53 20.52 -22.48 18.77
C ASN A 53 20.13 -21.97 17.40
N ASN A 54 20.39 -20.68 17.17
CA ASN A 54 19.86 -19.95 15.98
C ASN A 54 18.33 -19.94 15.98
N THR A 55 17.77 -20.60 17.01
CA THR A 55 16.39 -21.06 17.08
C THR A 55 15.57 -20.15 17.98
N THR A 56 14.58 -19.50 17.39
CA THR A 56 13.73 -18.57 18.15
C THR A 56 12.74 -19.36 19.05
N VAL A 57 12.61 -18.92 20.30
CA VAL A 57 11.72 -19.54 21.31
C VAL A 57 10.93 -18.49 22.11
N ALA A 58 9.95 -18.98 22.88
CA ALA A 58 9.13 -18.20 23.79
C ALA A 58 9.49 -18.66 25.19
N VAL A 59 9.92 -17.71 26.01
CA VAL A 59 10.27 -18.00 27.39
C VAL A 59 9.19 -17.31 28.19
N LYS A 60 8.42 -18.10 28.94
CA LYS A 60 7.39 -17.58 29.80
C LYS A 60 7.91 -17.62 31.23
N LYS A 61 8.02 -16.45 31.84
CA LYS A 61 8.47 -16.35 33.22
C LYS A 61 7.25 -16.15 34.12
N LEU A 62 6.98 -17.12 35.00
CA LEU A 62 5.78 -17.09 35.84
C LEU A 62 5.91 -16.07 36.96
N ALA A 63 4.79 -15.44 37.29
CA ALA A 63 4.80 -14.33 38.22
C ALA A 63 3.68 -14.46 39.26
N ALA A 64 4.07 -14.27 40.52
CA ALA A 64 3.13 -14.26 41.65
C ALA A 64 2.34 -12.96 41.62
N MET A 65 1.01 -13.09 41.73
CA MET A 65 0.10 -11.96 41.76
C MET A 65 -0.95 -12.24 42.83
N VAL A 66 -1.23 -11.22 43.66
CA VAL A 66 -2.13 -11.34 44.82
C VAL A 66 -3.47 -11.95 44.39
N ASP A 67 -3.58 -13.26 44.64
CA ASP A 67 -4.67 -14.11 44.15
C ASP A 67 -4.20 -15.56 44.17
N ILE A 68 -2.88 -15.75 44.04
CA ILE A 68 -2.23 -17.07 44.08
C ILE A 68 -1.01 -17.14 45.02
N THR A 69 -0.98 -18.20 45.83
CA THR A 69 0.18 -18.59 46.64
C THR A 69 1.43 -18.64 45.75
N THR A 70 2.60 -18.49 46.36
CA THR A 70 3.81 -18.97 45.72
C THR A 70 3.96 -20.43 46.16
N GLU A 71 2.93 -21.20 45.80
CA GLU A 71 2.87 -22.66 45.92
C GLU A 71 1.71 -23.14 45.05
N GLU A 72 0.83 -22.21 44.71
CA GLU A 72 -0.26 -22.48 43.78
C GLU A 72 0.19 -22.11 42.38
N LEU A 73 1.21 -21.25 42.32
CA LEU A 73 1.88 -20.91 41.07
C LEU A 73 2.93 -21.96 40.71
N LYS A 74 3.37 -22.72 41.71
CA LYS A 74 4.23 -23.87 41.46
C LYS A 74 3.39 -25.04 40.94
N GLN A 75 2.13 -25.09 41.39
CA GLN A 75 1.19 -26.13 40.94
C GLN A 75 0.77 -25.98 39.48
N GLN A 76 0.62 -24.74 39.03
CA GLN A 76 0.39 -24.43 37.62
C GLN A 76 1.63 -24.78 36.78
N PHE A 77 2.81 -24.49 37.32
CA PHE A 77 4.09 -24.91 36.71
C PHE A 77 4.14 -26.41 36.47
N ASP A 78 3.99 -27.18 37.55
CA ASP A 78 4.11 -28.65 37.47
C ASP A 78 3.04 -29.27 36.56
N GLN A 79 1.81 -28.74 36.63
CA GLN A 79 0.69 -29.19 35.80
C GLN A 79 0.83 -28.88 34.31
N GLU A 80 1.53 -27.79 33.97
CA GLU A 80 1.84 -27.46 32.57
C GLU A 80 2.78 -28.54 32.04
N ILE A 81 3.86 -28.77 32.78
CA ILE A 81 4.86 -29.82 32.47
C ILE A 81 4.22 -31.21 32.40
N LYS A 82 3.41 -31.53 33.41
CA LYS A 82 2.68 -32.80 33.50
C LYS A 82 1.78 -33.04 32.28
N VAL A 83 1.01 -32.02 31.87
CA VAL A 83 0.20 -32.16 30.64
C VAL A 83 1.01 -32.17 29.34
N MET A 84 2.01 -31.31 29.22
CA MET A 84 2.85 -31.24 28.01
C MET A 84 3.66 -32.54 27.76
N ALA A 85 3.89 -33.30 28.83
CA ALA A 85 4.62 -34.57 28.72
C ALA A 85 3.75 -35.62 28.11
N LYS A 86 2.47 -35.62 28.52
CA LYS A 86 1.48 -36.60 28.12
C LYS A 86 0.94 -36.31 26.74
N CYS A 87 0.81 -35.02 26.40
CA CYS A 87 0.06 -34.63 25.18
C CYS A 87 0.88 -33.88 24.14
N GLN A 88 1.17 -34.56 23.04
CA GLN A 88 1.86 -33.97 21.92
C GLN A 88 0.93 -34.11 20.73
N HIS A 89 0.65 -32.97 20.07
CA HIS A 89 -0.27 -32.99 18.97
C HIS A 89 -0.06 -31.78 18.06
N GLU A 90 -0.48 -31.86 16.81
CA GLU A 90 -0.15 -30.83 15.86
C GLU A 90 -0.95 -29.53 16.15
N ASN A 91 -2.02 -29.65 16.92
CA ASN A 91 -2.83 -28.54 17.36
C ASN A 91 -2.70 -28.15 18.83
N LEU A 92 -1.52 -28.38 19.40
CA LEU A 92 -1.18 -27.93 20.78
C LEU A 92 0.22 -27.37 20.72
N VAL A 93 0.56 -26.41 21.57
CA VAL A 93 1.92 -25.87 21.57
C VAL A 93 2.87 -26.94 22.03
N GLU A 94 4.17 -26.71 21.80
CA GLU A 94 5.20 -27.65 22.17
C GLU A 94 6.15 -27.09 23.23
N LEU A 95 6.20 -27.73 24.39
CA LEU A 95 7.17 -27.35 25.43
C LEU A 95 8.58 -27.88 25.12
N LEU A 96 9.60 -27.02 25.10
CA LEU A 96 10.98 -27.51 24.91
C LEU A 96 11.65 -27.82 26.24
N GLY A 97 11.37 -27.02 27.25
CA GLY A 97 12.00 -27.18 28.52
C GLY A 97 11.61 -26.16 29.56
N PHE A 98 12.35 -26.15 30.67
CA PHE A 98 11.96 -25.39 31.85
C PHE A 98 13.17 -25.02 32.76
N SER A 99 12.94 -24.05 33.64
CA SER A 99 13.85 -23.64 34.72
C SER A 99 13.07 -23.50 36.01
N SER A 100 13.68 -23.92 37.12
CA SER A 100 13.13 -23.77 38.49
C SER A 100 14.14 -23.15 39.50
N ASP A 101 15.36 -22.89 39.03
CA ASP A 101 16.45 -22.35 39.86
C ASP A 101 16.87 -20.91 39.50
N GLY A 102 16.55 -19.96 40.39
CA GLY A 102 16.60 -18.53 40.08
C GLY A 102 15.22 -18.03 40.46
N ASP A 103 14.33 -19.00 40.64
CA ASP A 103 13.03 -18.85 41.32
C ASP A 103 11.99 -17.84 40.80
N ASP A 104 12.19 -17.39 39.57
CA ASP A 104 11.07 -16.85 38.84
C ASP A 104 10.19 -18.02 38.29
N LEU A 105 10.84 -19.15 37.98
CA LEU A 105 10.24 -20.30 37.27
C LEU A 105 9.98 -19.96 35.80
N CYS A 106 10.58 -20.71 34.88
CA CYS A 106 10.35 -20.47 33.45
C CYS A 106 9.98 -21.72 32.64
N LEU A 107 9.12 -21.50 31.64
CA LEU A 107 8.73 -22.52 30.67
C LEU A 107 9.15 -22.05 29.29
N VAL A 108 9.69 -22.95 28.49
CA VAL A 108 10.27 -22.60 27.20
C VAL A 108 9.55 -23.37 26.09
N TYR A 109 9.00 -22.65 25.13
CA TYR A 109 8.25 -23.29 24.04
C TYR A 109 8.86 -22.99 22.70
N VAL A 110 8.46 -23.80 21.71
CA VAL A 110 8.66 -23.49 20.29
C VAL A 110 7.86 -22.24 19.97
N TYR A 111 8.50 -21.31 19.26
CA TYR A 111 7.96 -19.97 19.08
C TYR A 111 6.81 -19.96 18.08
N MET A 112 5.73 -19.22 18.40
CA MET A 112 4.55 -19.08 17.55
C MET A 112 4.54 -17.70 16.90
N PRO A 113 5.04 -17.59 15.68
CA PRO A 113 5.28 -16.25 15.17
C PRO A 113 4.10 -15.31 14.90
N ASN A 114 2.89 -15.80 15.04
CA ASN A 114 1.67 -15.13 14.59
C ASN A 114 0.73 -14.87 15.78
N GLY A 115 1.28 -15.00 16.98
CA GLY A 115 0.59 -14.46 18.18
C GLY A 115 -0.66 -15.23 18.54
N SER A 116 -1.55 -14.59 19.31
CA SER A 116 -2.82 -15.17 19.68
C SER A 116 -3.89 -14.88 18.61
N LEU A 117 -4.88 -15.76 18.55
CA LEU A 117 -6.05 -15.50 17.72
C LEU A 117 -6.77 -14.17 18.12
N LEU A 118 -6.72 -13.82 19.41
CA LEU A 118 -7.37 -12.61 19.95
C LEU A 118 -6.80 -11.37 19.25
N ASP A 119 -5.48 -11.28 19.25
CA ASP A 119 -4.77 -10.21 18.60
C ASP A 119 -4.83 -10.24 17.11
N ARG A 120 -4.81 -11.42 16.53
CA ARG A 120 -4.91 -11.47 15.09
C ARG A 120 -6.29 -11.05 14.63
N LEU A 121 -7.30 -11.35 15.47
CA LEU A 121 -8.67 -10.95 15.25
C LEU A 121 -8.89 -9.43 15.39
N SER A 122 -8.18 -8.82 16.31
CA SER A 122 -8.22 -7.38 16.49
C SER A 122 -7.25 -6.59 15.58
N CYS A 123 -6.45 -7.27 14.76
CA CYS A 123 -5.38 -6.68 13.93
C CYS A 123 -4.37 -5.83 14.70
N LEU A 124 -4.13 -6.23 15.93
CA LEU A 124 -3.16 -5.59 16.82
C LEU A 124 -1.79 -5.39 16.19
N ASP A 125 -1.23 -4.18 16.39
CA ASP A 125 0.01 -3.73 15.78
C ASP A 125 -0.02 -3.71 14.28
N GLY A 126 -1.20 -3.73 13.70
CA GLY A 126 -1.32 -3.52 12.29
C GLY A 126 -1.31 -4.71 11.39
N THR A 127 -1.38 -5.93 11.95
CA THR A 127 -1.37 -7.09 11.11
C THR A 127 -2.61 -7.08 10.25
N PRO A 128 -2.56 -7.70 9.06
CA PRO A 128 -3.80 -7.77 8.24
C PRO A 128 -4.90 -8.71 8.82
N PRO A 129 -6.19 -8.39 8.57
CA PRO A 129 -7.39 -9.18 8.98
C PRO A 129 -7.31 -10.57 8.43
N LEU A 130 -7.70 -11.59 9.22
CA LEU A 130 -7.70 -12.95 8.72
C LEU A 130 -8.84 -13.08 7.74
N SER A 131 -8.60 -13.80 6.65
CA SER A 131 -9.67 -14.10 5.70
C SER A 131 -10.59 -15.20 6.28
N TRP A 132 -11.81 -15.37 5.72
CA TRP A 132 -12.71 -16.49 5.97
C TRP A 132 -12.04 -17.88 5.77
N HIS A 133 -11.28 -17.99 4.69
CA HIS A 133 -10.51 -19.19 4.42
C HIS A 133 -9.64 -19.52 5.57
N MET A 134 -8.87 -18.54 6.06
CA MET A 134 -7.95 -18.79 7.20
C MET A 134 -8.71 -19.09 8.54
N ARG A 135 -9.77 -18.30 8.80
CA ARG A 135 -10.66 -18.54 9.97
C ARG A 135 -11.18 -19.98 10.09
N CYS A 136 -11.65 -20.55 8.96
CA CYS A 136 -12.09 -21.94 8.88
C CYS A 136 -11.08 -22.97 9.25
N LYS A 137 -9.87 -22.84 8.72
CA LYS A 137 -8.74 -23.70 9.10
C LYS A 137 -8.45 -23.59 10.61
N ILE A 138 -8.49 -22.35 11.08
CA ILE A 138 -8.17 -22.12 12.49
C ILE A 138 -9.23 -22.78 13.43
N ALA A 139 -10.51 -22.59 13.08
CA ALA A 139 -11.62 -23.18 13.83
C ALA A 139 -11.51 -24.70 13.87
N GLN A 140 -11.18 -25.35 12.74
CA GLN A 140 -10.96 -26.78 12.64
C GLN A 140 -9.73 -27.25 13.39
N GLY A 141 -8.60 -26.59 13.17
CA GLY A 141 -7.41 -26.83 14.02
C GLY A 141 -7.72 -26.81 15.52
N ALA A 142 -8.36 -25.74 16.00
CA ALA A 142 -8.66 -25.59 17.43
C ALA A 142 -9.50 -26.76 17.97
N ALA A 143 -10.51 -27.17 17.18
CA ALA A 143 -11.42 -28.28 17.50
C ALA A 143 -10.65 -29.56 17.56
N ASN A 144 -9.69 -29.73 16.63
CA ASN A 144 -8.79 -30.88 16.68
C ASN A 144 -7.95 -30.95 17.92
N GLY A 145 -7.38 -29.83 18.37
CA GLY A 145 -6.55 -29.79 19.61
C GLY A 145 -7.34 -30.17 20.86
N ILE A 146 -8.51 -29.53 20.98
CA ILE A 146 -9.50 -29.85 22.02
C ILE A 146 -9.88 -31.33 22.00
N ASN A 147 -10.11 -31.91 20.81
CA ASN A 147 -10.40 -33.34 20.72
C ASN A 147 -9.34 -34.26 21.30
N PHE A 148 -8.08 -33.99 20.96
CA PHE A 148 -6.97 -34.74 21.47
C PHE A 148 -6.95 -34.65 22.97
N LEU A 149 -7.12 -33.44 23.51
CA LEU A 149 -7.18 -33.26 24.96
C LEU A 149 -8.26 -34.12 25.63
N HIS A 150 -9.46 -34.07 25.09
CA HIS A 150 -10.60 -34.81 25.66
C HIS A 150 -10.45 -36.35 25.49
N GLU A 151 -9.88 -36.81 24.36
CA GLU A 151 -9.43 -38.21 24.16
C GLU A 151 -8.39 -38.61 25.22
N ASN A 152 -7.58 -37.66 25.66
CA ASN A 152 -6.66 -37.98 26.70
C ASN A 152 -7.19 -37.62 28.08
N HIS A 153 -8.52 -37.53 28.23
CA HIS A 153 -9.06 -37.29 29.58
C HIS A 153 -8.51 -36.02 30.24
N HIS A 154 -8.41 -34.93 29.47
CA HIS A 154 -8.04 -33.64 30.02
C HIS A 154 -9.08 -32.58 29.81
N ILE A 155 -9.21 -31.73 30.81
CA ILE A 155 -10.14 -30.63 30.72
C ILE A 155 -9.31 -29.41 30.83
N HIS A 156 -9.43 -28.52 29.86
CA HIS A 156 -8.57 -27.33 29.81
C HIS A 156 -8.94 -26.29 30.87
N ARG A 157 -10.24 -26.03 30.98
CA ARG A 157 -10.75 -25.04 31.93
C ARG A 157 -10.53 -23.59 31.54
N ASP A 158 -9.80 -23.31 30.48
CA ASP A 158 -9.75 -21.88 30.05
C ASP A 158 -9.59 -21.76 28.51
N ILE A 159 -10.56 -22.28 27.80
CA ILE A 159 -10.54 -22.18 26.33
C ILE A 159 -10.99 -20.74 25.97
N LYS A 160 -10.11 -20.06 25.23
CA LYS A 160 -10.39 -18.62 24.80
C LYS A 160 -9.46 -18.25 23.65
N SER A 161 -9.73 -17.16 22.87
CA SER A 161 -8.82 -16.89 21.75
C SER A 161 -7.41 -16.47 22.14
N ALA A 162 -7.27 -15.89 23.30
CA ALA A 162 -5.97 -15.58 23.78
C ALA A 162 -5.11 -16.85 24.01
N ASN A 163 -5.73 -18.01 24.18
CA ASN A 163 -4.99 -19.32 24.45
C ASN A 163 -5.05 -20.19 23.24
N ILE A 164 -5.31 -19.56 22.12
CA ILE A 164 -5.17 -20.23 20.87
C ILE A 164 -4.09 -19.44 20.15
N LEU A 165 -2.94 -20.10 19.97
CA LEU A 165 -1.81 -19.48 19.24
C LEU A 165 -1.68 -19.88 17.76
N LEU A 166 -0.92 -19.10 16.98
CA LEU A 166 -0.90 -19.32 15.58
C LEU A 166 0.57 -19.45 15.08
N ASP A 167 0.83 -20.51 14.33
CA ASP A 167 2.19 -20.78 13.85
C ASP A 167 2.53 -20.00 12.60
N GLU A 168 3.66 -20.35 11.98
CA GLU A 168 4.15 -19.67 10.81
C GLU A 168 3.30 -19.98 9.59
N ALA A 169 2.29 -20.85 9.77
CA ALA A 169 1.30 -21.18 8.73
C ALA A 169 -0.14 -20.84 9.14
N PHE A 170 -0.24 -20.14 10.24
CA PHE A 170 -1.52 -19.78 10.85
C PHE A 170 -2.26 -21.04 11.28
N THR A 171 -1.52 -22.08 11.67
CA THR A 171 -2.15 -23.27 12.28
C THR A 171 -2.41 -22.94 13.74
N ALA A 172 -3.61 -23.31 14.21
CA ALA A 172 -4.05 -22.98 15.52
C ALA A 172 -3.46 -23.96 16.53
N LYS A 173 -2.99 -23.46 17.66
CA LYS A 173 -2.38 -24.32 18.65
C LYS A 173 -2.87 -23.88 20.03
N ILE A 174 -3.46 -24.82 20.77
CA ILE A 174 -4.02 -24.52 22.07
C ILE A 174 -2.81 -24.53 23.03
N SER A 175 -2.88 -23.66 24.03
CA SER A 175 -1.82 -23.36 25.01
C SER A 175 -2.49 -23.09 26.35
N ASP A 176 -1.65 -22.86 27.36
CA ASP A 176 -2.01 -22.65 28.74
C ASP A 176 -2.78 -23.82 29.45
N PHE A 177 -1.99 -24.75 29.96
CA PHE A 177 -2.46 -26.00 30.58
C PHE A 177 -2.27 -26.02 32.12
N GLY A 178 -1.97 -24.86 32.70
CA GLY A 178 -1.65 -24.77 34.12
C GLY A 178 -2.85 -25.03 35.03
N LEU A 179 -4.04 -25.02 34.44
CA LEU A 179 -5.25 -25.25 35.19
C LEU A 179 -6.01 -26.46 34.69
N ALA A 180 -5.43 -27.19 33.73
CA ALA A 180 -6.05 -28.40 33.20
C ALA A 180 -6.23 -29.47 34.30
N ARG A 181 -7.32 -30.24 34.19
CA ARG A 181 -7.64 -31.34 35.10
C ARG A 181 -7.91 -32.64 34.35
N ALA A 182 -7.45 -33.75 34.94
CA ALA A 182 -7.89 -35.08 34.55
C ALA A 182 -9.41 -35.18 34.67
N SER A 183 -10.09 -35.66 33.64
CA SER A 183 -11.47 -36.11 33.81
C SER A 183 -11.48 -37.63 34.04
N GLU A 184 -12.66 -38.22 33.95
CA GLU A 184 -12.85 -39.68 34.02
C GLU A 184 -14.09 -40.04 33.19
N LYS A 185 -14.55 -41.29 33.28
CA LYS A 185 -15.69 -41.76 32.46
C LYS A 185 -16.99 -40.92 32.64
N PHE A 186 -16.96 -39.93 33.54
CA PHE A 186 -18.15 -39.42 34.24
C PHE A 186 -18.66 -40.59 35.12
N ALA A 187 -17.93 -40.84 36.21
CA ALA A 187 -18.41 -41.73 37.27
C ALA A 187 -19.12 -40.91 38.37
N GLN A 188 -19.24 -39.59 38.12
CA GLN A 188 -20.06 -38.65 38.91
C GLN A 188 -19.64 -37.16 38.73
N THR A 189 -20.65 -36.27 38.74
CA THR A 189 -20.44 -34.81 38.67
C THR A 189 -19.34 -34.35 39.67
N VAL A 190 -18.31 -33.68 39.12
CA VAL A 190 -17.16 -33.23 39.92
C VAL A 190 -17.23 -31.74 40.21
N MET A 191 -16.92 -31.38 41.45
CA MET A 191 -17.08 -30.05 41.95
C MET A 191 -15.77 -29.50 42.51
N TPO A 192 -15.53 -28.23 42.18
CA TPO A 192 -14.57 -27.26 42.71
CB TPO A 192 -13.35 -26.60 42.04
CG2 TPO A 192 -13.58 -26.36 40.55
OG1 TPO A 192 -11.96 -26.74 42.38
P TPO A 192 -11.07 -27.69 43.16
O1P TPO A 192 -9.68 -27.14 43.02
O2P TPO A 192 -11.17 -29.11 42.64
O3P TPO A 192 -11.39 -27.65 44.64
C TPO A 192 -14.85 -26.49 43.89
O TPO A 192 -15.92 -25.91 43.95
N SEP A 193 -13.88 -26.29 44.78
CA SEP A 193 -14.02 -25.16 45.70
CB SEP A 193 -13.59 -25.53 47.12
OG SEP A 193 -12.18 -25.60 47.22
C SEP A 193 -13.28 -23.91 45.21
O SEP A 193 -13.42 -22.82 45.79
P SEP A 193 -11.77 -25.83 48.77
O1P SEP A 193 -12.37 -27.25 49.29
O2P SEP A 193 -10.15 -25.82 48.84
O3P SEP A 193 -12.39 -24.63 49.65
N ARG A 194 -12.47 -24.07 44.15
CA ARG A 194 -11.70 -22.96 43.56
C ARG A 194 -12.13 -22.72 42.12
N ILE A 195 -12.95 -21.68 41.97
CA ILE A 195 -13.53 -21.43 40.65
C ILE A 195 -12.55 -20.64 39.79
N VAL A 196 -12.11 -21.28 38.71
CA VAL A 196 -11.13 -20.72 37.74
C VAL A 196 -11.68 -20.63 36.30
N GLY A 197 -11.12 -19.73 35.50
CA GLY A 197 -11.51 -19.62 34.11
C GLY A 197 -11.63 -18.16 33.80
N THR A 198 -12.15 -17.84 32.63
CA THR A 198 -12.34 -16.42 32.18
C THR A 198 -13.80 -16.17 31.96
N THR A 199 -14.34 -15.23 32.72
CA THR A 199 -15.78 -15.17 32.96
C THR A 199 -16.58 -15.09 31.66
N ALA A 200 -16.03 -14.31 30.72
CA ALA A 200 -16.70 -13.98 29.46
C ALA A 200 -16.85 -15.20 28.53
N TYR A 201 -16.07 -16.24 28.84
CA TYR A 201 -16.09 -17.52 28.11
C TYR A 201 -16.63 -18.68 28.95
N MET A 202 -16.99 -18.46 30.21
CA MET A 202 -17.50 -19.59 31.01
C MET A 202 -18.95 -20.00 30.86
N ALA A 203 -19.14 -21.31 30.84
CA ALA A 203 -20.44 -21.97 31.00
C ALA A 203 -21.03 -21.66 32.38
N PRO A 204 -22.36 -21.69 32.49
CA PRO A 204 -22.91 -21.36 33.79
C PRO A 204 -22.50 -22.43 34.86
N GLU A 205 -22.52 -23.72 34.52
CA GLU A 205 -22.01 -24.76 35.50
C GLU A 205 -20.58 -24.57 36.00
N ALA A 206 -19.72 -24.00 35.15
CA ALA A 206 -18.35 -23.73 35.54
C ALA A 206 -18.31 -22.53 36.43
N LEU A 207 -19.20 -21.56 36.22
CA LEU A 207 -19.25 -20.41 37.14
C LEU A 207 -19.83 -20.85 38.52
N ARG A 208 -20.50 -21.98 38.57
CA ARG A 208 -20.99 -22.52 39.89
C ARG A 208 -20.02 -23.52 40.47
N GLY A 209 -19.01 -23.93 39.67
CA GLY A 209 -17.93 -24.80 40.17
C GLY A 209 -17.88 -26.24 39.67
N GLU A 210 -18.78 -26.64 38.79
CA GLU A 210 -18.60 -27.96 38.14
C GLU A 210 -17.33 -28.04 37.33
N ILE A 211 -16.75 -29.23 37.36
CA ILE A 211 -15.62 -29.55 36.49
C ILE A 211 -15.98 -30.66 35.53
N THR A 212 -16.22 -30.27 34.28
CA THR A 212 -16.64 -31.15 33.19
C THR A 212 -16.11 -30.73 31.78
N PRO A 213 -15.79 -31.71 30.90
CA PRO A 213 -15.37 -31.37 29.53
C PRO A 213 -16.40 -30.62 28.70
N LYS A 214 -17.65 -30.57 29.18
CA LYS A 214 -18.75 -29.96 28.47
C LYS A 214 -18.63 -28.44 28.55
N SER A 215 -17.94 -27.98 29.58
CA SER A 215 -17.61 -26.60 29.76
C SER A 215 -16.62 -26.06 28.70
N ASP A 216 -15.62 -26.87 28.35
CA ASP A 216 -14.66 -26.50 27.29
C ASP A 216 -15.43 -26.27 25.99
N ILE A 217 -16.43 -27.12 25.75
CA ILE A 217 -17.26 -26.99 24.51
C ILE A 217 -18.01 -25.66 24.45
N TYR A 218 -18.61 -25.25 25.58
CA TYR A 218 -19.25 -23.95 25.65
C TYR A 218 -18.31 -22.77 25.34
N SER A 219 -17.11 -22.81 25.92
CA SER A 219 -16.12 -21.79 25.72
C SER A 219 -15.65 -21.70 24.27
N PHE A 220 -15.50 -22.87 23.71
CA PHE A 220 -15.14 -22.98 22.34
C PHE A 220 -16.20 -22.37 21.45
N GLY A 221 -17.47 -22.52 21.85
CA GLY A 221 -18.55 -21.91 21.12
C GLY A 221 -18.50 -20.39 21.13
N VAL A 222 -18.05 -19.79 22.26
CA VAL A 222 -17.74 -18.38 22.31
C VAL A 222 -16.57 -17.98 21.36
N VAL A 223 -15.53 -18.79 21.32
CA VAL A 223 -14.39 -18.63 20.38
C VAL A 223 -14.87 -18.60 18.93
N LEU A 224 -15.86 -19.44 18.62
CA LEU A 224 -16.41 -19.46 17.26
C LEU A 224 -17.08 -18.16 16.89
N LEU A 225 -17.77 -17.55 17.87
CA LEU A 225 -18.35 -16.19 17.74
C LEU A 225 -17.34 -15.06 17.47
N GLU A 226 -16.24 -15.06 18.20
CA GLU A 226 -15.14 -14.16 17.97
C GLU A 226 -14.64 -14.29 16.53
N ILE A 227 -14.48 -15.53 16.10
CA ILE A 227 -13.97 -15.85 14.77
C ILE A 227 -14.93 -15.29 13.70
N ILE A 228 -16.22 -15.61 13.84
CA ILE A 228 -17.25 -15.09 12.89
C ILE A 228 -17.33 -13.56 12.84
N THR A 229 -17.34 -12.95 14.04
CA THR A 229 -17.66 -11.53 14.16
C THR A 229 -16.46 -10.62 14.25
N GLY A 230 -15.32 -11.18 14.59
CA GLY A 230 -14.10 -10.41 14.94
C GLY A 230 -14.17 -9.51 16.18
N LEU A 231 -15.22 -9.70 16.99
CA LEU A 231 -15.42 -8.95 18.24
C LEU A 231 -14.84 -9.72 19.39
N PRO A 232 -14.21 -9.02 20.38
CA PRO A 232 -13.83 -9.77 21.55
C PRO A 232 -15.08 -10.15 22.36
N ALA A 233 -14.91 -11.22 23.14
CA ALA A 233 -15.95 -11.81 23.99
C ALA A 233 -16.57 -10.78 24.99
N VAL A 234 -15.73 -9.96 25.59
CA VAL A 234 -16.17 -8.84 26.44
C VAL A 234 -15.60 -7.47 25.94
N ASP A 235 -16.46 -6.49 25.82
CA ASP A 235 -16.00 -5.10 25.57
C ASP A 235 -16.82 -4.24 26.52
N GLU A 236 -16.22 -3.62 27.55
CA GLU A 236 -17.06 -2.86 28.48
C GLU A 236 -17.75 -1.67 27.78
N HIS A 237 -17.16 -1.21 26.68
CA HIS A 237 -17.67 -0.01 25.98
C HIS A 237 -18.59 -0.36 24.84
N ARG A 238 -19.04 -1.62 24.79
CA ARG A 238 -20.01 -2.05 23.79
C ARG A 238 -21.38 -2.48 24.39
N GLU A 239 -22.44 -2.49 23.58
CA GLU A 239 -23.72 -3.12 23.95
C GLU A 239 -24.09 -4.08 22.82
N PRO A 240 -24.18 -5.39 23.14
CA PRO A 240 -24.09 -5.96 24.53
C PRO A 240 -22.64 -6.09 24.93
N GLN A 241 -22.31 -5.93 26.22
CA GLN A 241 -20.91 -6.00 26.63
C GLN A 241 -20.33 -7.42 26.44
N LEU A 242 -21.13 -8.46 26.67
CA LEU A 242 -20.68 -9.85 26.48
C LEU A 242 -21.10 -10.40 25.11
N LEU A 243 -20.17 -10.97 24.32
CA LEU A 243 -20.49 -11.45 22.98
C LEU A 243 -21.56 -12.53 23.00
N LEU A 244 -21.45 -13.47 23.96
CA LEU A 244 -22.41 -14.56 24.14
C LEU A 244 -23.91 -14.08 24.03
N ASP A 245 -24.16 -12.86 24.49
CA ASP A 245 -25.50 -12.24 24.41
C ASP A 245 -26.05 -12.12 23.00
N ILE A 246 -25.20 -12.32 21.97
CA ILE A 246 -25.60 -12.31 20.54
C ILE A 246 -26.46 -13.48 20.11
N LYS A 247 -26.22 -14.64 20.71
CA LYS A 247 -27.02 -15.81 20.39
C LYS A 247 -28.50 -15.49 20.64
N GLU A 248 -28.78 -14.76 21.72
CA GLU A 248 -30.15 -14.47 22.15
C GLU A 248 -30.80 -13.44 21.26
N GLU A 249 -30.07 -12.36 20.98
CA GLU A 249 -30.47 -11.37 19.99
C GLU A 249 -30.87 -12.01 18.68
N ILE A 250 -29.98 -12.82 18.10
CA ILE A 250 -30.22 -13.48 16.86
C ILE A 250 -31.36 -14.48 17.04
N GLU A 251 -31.33 -15.18 18.18
CA GLU A 251 -32.31 -16.21 18.55
C GLU A 251 -33.71 -15.64 18.78
N ASP A 252 -33.79 -14.40 19.27
CA ASP A 252 -35.09 -13.77 19.50
C ASP A 252 -35.36 -12.71 18.45
N GLU A 253 -35.03 -13.09 17.20
CA GLU A 253 -34.95 -12.26 15.98
C GLU A 253 -34.76 -10.75 16.02
N GLU A 254 -34.18 -10.25 17.08
CA GLU A 254 -33.86 -8.85 17.15
C GLU A 254 -32.68 -8.57 16.21
N LYS A 255 -32.06 -9.65 15.75
CA LYS A 255 -30.79 -9.62 15.00
C LYS A 255 -30.63 -10.74 13.97
N THR A 256 -29.81 -10.47 12.96
CA THR A 256 -29.35 -11.48 12.01
C THR A 256 -27.84 -11.76 12.22
N ILE A 257 -27.43 -13.01 12.06
CA ILE A 257 -26.00 -13.35 12.10
C ILE A 257 -25.20 -12.52 11.07
N GLU A 258 -25.81 -12.24 9.91
CA GLU A 258 -25.21 -11.41 8.86
C GLU A 258 -24.96 -9.95 9.30
N ASP A 259 -25.77 -9.43 10.23
CA ASP A 259 -25.47 -8.12 10.89
C ASP A 259 -24.13 -8.10 11.62
N TYR A 260 -23.71 -9.25 12.15
CA TYR A 260 -22.52 -9.33 13.01
C TYR A 260 -21.27 -9.95 12.34
N ILE A 261 -21.42 -10.53 11.14
CA ILE A 261 -20.26 -11.08 10.40
C ILE A 261 -19.19 -9.99 10.30
N ASP A 262 -17.97 -10.34 10.69
CA ASP A 262 -16.84 -9.41 10.54
C ASP A 262 -16.76 -8.82 9.12
N LYS A 263 -16.79 -7.48 9.03
CA LYS A 263 -16.73 -6.82 7.71
C LYS A 263 -15.33 -6.72 7.09
N LYS A 264 -14.31 -7.03 7.88
CA LYS A 264 -12.92 -7.07 7.39
C LYS A 264 -12.46 -8.36 6.70
N MET A 265 -13.33 -8.98 5.90
CA MET A 265 -13.05 -10.14 5.09
C MET A 265 -13.68 -9.83 3.77
N ASN A 266 -13.18 -10.39 2.67
CA ASN A 266 -13.81 -10.18 1.34
C ASN A 266 -14.30 -11.47 0.75
N ASP A 267 -14.03 -12.57 1.45
CA ASP A 267 -14.27 -13.96 0.96
C ASP A 267 -15.31 -14.81 1.75
N ALA A 268 -16.08 -14.22 2.66
CA ALA A 268 -17.11 -14.99 3.35
C ALA A 268 -18.21 -15.38 2.37
N ASP A 269 -18.74 -16.57 2.58
CA ASP A 269 -20.00 -16.97 1.98
C ASP A 269 -21.08 -17.28 3.06
N SER A 270 -22.34 -17.00 2.77
CA SER A 270 -23.46 -17.24 3.67
C SER A 270 -23.52 -18.65 4.22
N THR A 271 -23.32 -19.63 3.35
CA THR A 271 -23.47 -21.03 3.69
C THR A 271 -22.48 -21.49 4.75
N SER A 272 -21.20 -21.20 4.57
CA SER A 272 -20.21 -21.68 5.55
C SER A 272 -20.28 -20.86 6.88
N VAL A 273 -20.53 -19.57 6.74
CA VAL A 273 -20.71 -18.73 7.91
C VAL A 273 -21.92 -19.19 8.78
N GLU A 274 -23.05 -19.50 8.13
CA GLU A 274 -24.22 -19.99 8.84
C GLU A 274 -23.96 -21.35 9.48
N ALA A 275 -23.28 -22.22 8.76
CA ALA A 275 -22.84 -23.49 9.26
C ALA A 275 -21.87 -23.37 10.45
N MET A 276 -20.96 -22.37 10.42
CA MET A 276 -20.08 -22.11 11.60
C MET A 276 -20.91 -21.53 12.77
N TYR A 277 -21.91 -20.75 12.42
CA TYR A 277 -22.72 -20.16 13.44
C TYR A 277 -23.59 -21.23 14.14
N SER A 278 -24.00 -22.21 13.38
CA SER A 278 -24.88 -23.26 13.88
C SER A 278 -24.13 -24.19 14.84
N VAL A 279 -22.87 -24.54 14.54
CA VAL A 279 -21.93 -25.10 15.56
C VAL A 279 -21.79 -24.27 16.88
N ALA A 280 -21.46 -22.98 16.79
CA ALA A 280 -21.31 -22.08 17.94
C ALA A 280 -22.60 -22.06 18.79
N SER A 281 -23.74 -22.00 18.10
CA SER A 281 -25.05 -21.99 18.75
C SER A 281 -25.36 -23.31 19.49
N GLN A 282 -24.95 -24.44 18.94
CA GLN A 282 -25.10 -25.74 19.61
C GLN A 282 -24.18 -25.91 20.81
N CYS A 283 -22.93 -25.44 20.70
CA CYS A 283 -21.93 -25.48 21.78
C CYS A 283 -22.36 -24.64 22.94
N LEU A 284 -23.10 -23.58 22.64
CA LEU A 284 -23.56 -22.60 23.60
C LEU A 284 -24.94 -22.94 24.28
N HIS A 285 -25.43 -24.16 24.16
CA HIS A 285 -26.54 -24.54 25.03
C HIS A 285 -26.27 -24.25 26.49
N GLU A 286 -27.24 -23.59 27.13
CA GLU A 286 -27.19 -23.33 28.57
C GLU A 286 -27.16 -24.64 29.35
N LYS A 287 -27.84 -25.65 28.82
CA LYS A 287 -27.86 -27.01 29.40
C LYS A 287 -26.66 -27.84 28.94
N LYS A 288 -25.72 -28.15 29.84
CA LYS A 288 -24.47 -28.84 29.45
C LYS A 288 -24.69 -30.10 28.64
N ASN A 289 -25.81 -30.79 28.91
CA ASN A 289 -26.02 -32.10 28.31
C ASN A 289 -26.70 -32.02 26.94
N LYS A 290 -27.16 -30.83 26.56
CA LYS A 290 -27.70 -30.67 25.25
C LYS A 290 -26.62 -30.30 24.21
N ARG A 291 -25.45 -29.84 24.69
CA ARG A 291 -24.28 -29.49 23.86
C ARG A 291 -23.68 -30.64 23.06
N PRO A 292 -23.25 -30.37 21.81
CA PRO A 292 -22.47 -31.42 21.12
C PRO A 292 -21.22 -31.80 21.90
N ASP A 293 -20.73 -33.03 21.73
CA ASP A 293 -19.42 -33.36 22.29
C ASP A 293 -18.32 -32.86 21.33
N ILE A 294 -17.04 -32.94 21.69
CA ILE A 294 -16.01 -32.44 20.79
C ILE A 294 -15.92 -33.19 19.45
N LYS A 295 -16.05 -34.51 19.51
CA LYS A 295 -16.09 -35.30 18.29
C LYS A 295 -17.20 -34.84 17.33
N LYS A 296 -18.33 -34.43 17.88
CA LYS A 296 -19.40 -33.92 17.03
C LYS A 296 -19.04 -32.52 16.43
N VAL A 297 -18.47 -31.63 17.23
CA VAL A 297 -18.04 -30.29 16.79
C VAL A 297 -17.03 -30.42 15.62
N GLN A 298 -16.07 -31.33 15.80
CA GLN A 298 -15.02 -31.64 14.79
C GLN A 298 -15.65 -32.04 13.48
N GLN A 299 -16.66 -32.92 13.53
CA GLN A 299 -17.29 -33.45 12.32
C GLN A 299 -18.11 -32.40 11.58
N LEU A 300 -18.87 -31.60 12.33
CA LEU A 300 -19.64 -30.53 11.74
C LEU A 300 -18.78 -29.43 11.10
N LEU A 301 -17.64 -29.11 11.69
CA LEU A 301 -16.74 -28.12 11.11
C LEU A 301 -16.07 -28.64 9.83
N GLN A 302 -15.82 -29.94 9.81
CA GLN A 302 -15.39 -30.64 8.61
C GLN A 302 -16.45 -30.59 7.51
N GLU A 303 -17.72 -30.74 7.87
CA GLU A 303 -18.77 -30.70 6.87
C GLU A 303 -18.99 -29.29 6.34
N MET A 304 -18.58 -28.30 7.15
CA MET A 304 -18.63 -26.90 6.76
C MET A 304 -17.77 -26.61 5.51
N THR A 305 -16.59 -27.22 5.42
CA THR A 305 -15.70 -26.98 4.25
C THR A 305 -15.66 -28.15 3.26
N THR B 10 11.21 44.12 -13.30
CA THR B 10 11.32 45.50 -12.72
C THR B 10 10.05 45.96 -11.95
N ARG B 11 8.96 45.22 -12.14
CA ARG B 11 7.76 45.28 -11.29
C ARG B 11 7.80 44.12 -10.25
N PHE B 12 8.97 43.49 -10.15
CA PHE B 12 9.22 42.42 -9.19
C PHE B 12 9.80 43.00 -7.93
N HIS B 13 9.71 42.23 -6.86
CA HIS B 13 10.19 42.62 -5.53
C HIS B 13 11.71 42.44 -5.43
N SER B 14 12.39 43.42 -4.85
CA SER B 14 13.82 43.35 -4.66
C SER B 14 14.07 42.82 -3.25
N PHE B 15 14.50 41.55 -3.18
CA PHE B 15 14.68 40.87 -1.90
C PHE B 15 16.11 41.12 -1.43
N SER B 16 16.30 41.22 -0.12
CA SER B 16 17.66 41.34 0.37
C SER B 16 18.26 39.96 0.40
N PHE B 17 19.47 39.84 -0.11
CA PHE B 17 20.25 38.61 0.04
C PHE B 17 20.18 38.02 1.45
N TYR B 18 20.14 38.89 2.47
CA TYR B 18 20.06 38.43 3.87
C TYR B 18 18.66 37.88 4.18
N GLU B 19 17.64 38.46 3.54
CA GLU B 19 16.29 37.94 3.65
C GLU B 19 16.14 36.50 3.12
N LEU B 20 16.71 36.26 1.94
CA LEU B 20 16.52 34.96 1.34
C LEU B 20 17.51 33.92 1.84
N LYS B 21 18.56 34.37 2.52
CA LYS B 21 19.40 33.51 3.34
C LYS B 21 18.65 32.85 4.50
N ASN B 22 17.75 33.57 5.15
CA ASN B 22 17.09 32.95 6.30
C ASN B 22 15.87 32.15 5.94
N VAL B 23 15.21 32.56 4.88
CA VAL B 23 14.11 31.76 4.32
C VAL B 23 14.59 30.42 3.77
N THR B 24 15.91 30.30 3.57
CA THR B 24 16.50 29.10 3.00
C THR B 24 17.41 28.34 3.96
N ASN B 25 17.37 28.69 5.25
CA ASN B 25 18.19 28.03 6.27
C ASN B 25 19.69 28.22 5.96
N ASN B 26 20.06 29.38 5.41
CA ASN B 26 21.43 29.63 4.91
C ASN B 26 21.79 28.85 3.64
N PHE B 27 20.82 28.60 2.76
CA PHE B 27 20.98 27.76 1.57
C PHE B 27 21.51 26.36 1.91
N ASP B 28 20.73 25.64 2.72
CA ASP B 28 21.08 24.33 3.26
C ASP B 28 20.93 23.21 2.23
N GLU B 29 22.08 22.67 1.79
CA GLU B 29 22.17 21.68 0.71
C GLU B 29 21.55 20.32 0.96
N ARG B 30 21.20 20.00 2.20
CA ARG B 30 20.55 18.71 2.46
C ARG B 30 19.19 18.63 1.76
N PRO B 31 18.85 17.45 1.21
CA PRO B 31 17.57 17.30 0.55
C PRO B 31 16.42 17.53 1.53
N ILE B 32 15.30 18.02 1.01
CA ILE B 32 14.09 18.23 1.81
C ILE B 32 13.78 16.98 2.67
N SER B 33 14.05 15.80 2.10
CA SER B 33 13.84 14.49 2.79
C SER B 33 14.50 14.39 4.19
N VAL B 34 15.82 14.18 4.23
CA VAL B 34 16.54 14.09 5.51
C VAL B 34 17.11 15.48 5.94
N GLY B 35 16.18 16.43 6.15
CA GLY B 35 16.53 17.66 6.85
C GLY B 35 16.28 19.02 6.21
N GLY B 36 16.97 19.29 5.09
CA GLY B 36 17.24 20.65 4.62
C GLY B 36 16.39 21.31 3.54
N ASN B 37 17.05 22.03 2.64
CA ASN B 37 16.35 22.97 1.75
C ASN B 37 16.52 22.83 0.25
N LYS B 38 17.55 22.11 -0.19
CA LYS B 38 17.80 21.95 -1.63
C LYS B 38 16.73 21.08 -2.29
N MET B 39 16.18 21.59 -3.39
CA MET B 39 15.09 20.91 -4.11
C MET B 39 15.62 20.25 -5.35
N GLY B 40 16.34 21.01 -6.16
CA GLY B 40 17.00 20.50 -7.36
C GLY B 40 18.30 21.25 -7.55
N GLU B 41 19.22 20.64 -8.32
CA GLU B 41 20.58 21.16 -8.61
C GLU B 41 21.11 20.71 -9.97
N GLY B 42 21.90 21.59 -10.58
CA GLY B 42 22.47 21.38 -11.91
C GLY B 42 22.41 22.73 -12.61
N GLY B 43 21.59 22.79 -13.68
CA GLY B 43 21.33 24.02 -14.43
C GLY B 43 22.52 24.96 -14.53
N PHE B 44 22.29 26.20 -14.08
CA PHE B 44 23.32 27.20 -13.84
C PHE B 44 23.18 27.61 -12.35
N GLY B 45 22.80 26.60 -11.54
CA GLY B 45 22.65 26.75 -10.09
C GLY B 45 21.59 25.86 -9.47
N VAL B 46 21.38 26.06 -8.17
CA VAL B 46 20.51 25.20 -7.40
C VAL B 46 19.24 25.90 -6.85
N VAL B 47 18.17 25.11 -6.74
CA VAL B 47 16.87 25.58 -6.33
C VAL B 47 16.62 25.15 -4.88
N TYR B 48 16.27 26.13 -4.06
CA TYR B 48 15.97 25.91 -2.65
C TYR B 48 14.52 26.20 -2.33
N LYS B 49 14.00 25.44 -1.38
CA LYS B 49 12.71 25.71 -0.82
C LYS B 49 12.86 26.86 0.19
N GLY B 50 11.99 27.86 0.08
CA GLY B 50 11.96 28.95 1.02
C GLY B 50 10.54 29.22 1.44
N TYR B 51 10.36 29.94 2.54
CA TYR B 51 9.04 30.33 3.05
C TYR B 51 9.05 31.81 3.38
N VAL B 52 8.33 32.63 2.61
CA VAL B 52 8.23 34.07 2.89
C VAL B 52 6.74 34.45 2.90
N ASN B 53 6.26 35.17 3.94
CA ASN B 53 4.83 35.60 3.99
C ASN B 53 3.83 34.46 4.16
N ASN B 54 4.16 33.47 5.00
CA ASN B 54 3.38 32.20 5.09
C ASN B 54 3.32 31.41 3.75
N THR B 55 4.03 31.91 2.73
CA THR B 55 4.03 31.40 1.36
C THR B 55 5.25 30.53 1.09
N THR B 56 5.06 29.31 0.63
CA THR B 56 6.20 28.58 0.06
C THR B 56 6.64 29.19 -1.27
N VAL B 57 7.96 29.37 -1.40
CA VAL B 57 8.57 29.87 -2.63
C VAL B 57 9.70 28.92 -3.05
N ALA B 58 10.16 29.14 -4.28
CA ALA B 58 11.37 28.57 -4.85
C ALA B 58 12.38 29.70 -5.01
N VAL B 59 13.55 29.54 -4.37
CA VAL B 59 14.71 30.45 -4.55
C VAL B 59 15.77 29.75 -5.39
N LYS B 60 15.98 30.24 -6.59
CA LYS B 60 17.09 29.82 -7.43
C LYS B 60 18.35 30.71 -7.24
N LYS B 61 19.36 30.16 -6.60
CA LYS B 61 20.65 30.85 -6.49
C LYS B 61 21.54 30.44 -7.67
N LEU B 62 22.07 31.43 -8.38
CA LEU B 62 22.87 31.19 -9.58
C LEU B 62 24.37 30.98 -9.29
N ALA B 63 25.00 30.15 -10.11
CA ALA B 63 26.40 29.80 -9.94
C ALA B 63 27.08 29.62 -11.29
N ALA B 64 28.29 30.17 -11.41
CA ALA B 64 29.13 29.91 -12.59
C ALA B 64 29.72 28.51 -12.45
N MET B 65 29.29 27.61 -13.34
CA MET B 65 29.64 26.19 -13.29
C MET B 65 30.57 25.90 -14.47
N VAL B 66 30.01 25.56 -15.63
CA VAL B 66 30.74 25.69 -16.90
C VAL B 66 30.71 27.19 -17.25
N ASP B 67 30.53 27.54 -18.53
CA ASP B 67 30.39 28.94 -18.98
C ASP B 67 31.11 29.97 -18.07
N ILE B 68 32.28 29.57 -17.54
CA ILE B 68 32.96 30.23 -16.40
C ILE B 68 33.11 31.78 -16.45
N THR B 69 32.00 32.46 -16.77
CA THR B 69 31.98 33.91 -16.92
C THR B 69 31.18 34.54 -15.80
N THR B 70 31.43 35.83 -15.58
CA THR B 70 30.64 36.61 -14.66
C THR B 70 29.61 37.43 -15.44
N GLU B 71 30.02 38.00 -16.57
CA GLU B 71 29.09 38.78 -17.38
C GLU B 71 28.05 37.92 -18.13
N GLU B 72 28.35 36.63 -18.32
CA GLU B 72 27.41 35.76 -19.01
C GLU B 72 26.32 35.21 -18.06
N LEU B 73 26.65 35.03 -16.80
CA LEU B 73 25.66 34.59 -15.82
C LEU B 73 24.77 35.73 -15.32
N LYS B 74 25.28 36.97 -15.39
CA LYS B 74 24.45 38.16 -15.12
C LYS B 74 23.59 38.43 -16.35
N GLN B 75 24.07 38.02 -17.51
CA GLN B 75 23.29 38.23 -18.71
C GLN B 75 22.04 37.35 -18.71
N GLN B 76 22.21 36.09 -18.32
CA GLN B 76 21.09 35.14 -18.20
C GLN B 76 20.09 35.56 -17.09
N PHE B 77 20.59 35.97 -15.94
CA PHE B 77 19.83 36.61 -14.86
C PHE B 77 18.94 37.70 -15.42
N ASP B 78 19.54 38.61 -16.20
CA ASP B 78 18.84 39.77 -16.75
C ASP B 78 17.85 39.39 -17.84
N GLN B 79 18.17 38.37 -18.65
CA GLN B 79 17.19 37.91 -19.66
C GLN B 79 15.97 37.25 -19.03
N GLU B 80 16.19 36.40 -18.04
CA GLU B 80 15.11 35.79 -17.27
C GLU B 80 14.17 36.89 -16.76
N ILE B 81 14.75 37.88 -16.05
CA ILE B 81 13.94 38.95 -15.45
C ILE B 81 13.17 39.70 -16.54
N LYS B 82 13.83 39.85 -17.68
CA LYS B 82 13.29 40.59 -18.81
C LYS B 82 12.15 39.87 -19.51
N VAL B 83 12.29 38.55 -19.72
CA VAL B 83 11.20 37.80 -20.35
C VAL B 83 10.01 37.72 -19.41
N MET B 84 10.29 37.53 -18.13
CA MET B 84 9.25 37.37 -17.12
C MET B 84 8.49 38.69 -16.89
N ALA B 85 9.16 39.80 -17.18
CA ALA B 85 8.53 41.12 -17.09
C ALA B 85 7.36 41.20 -18.06
N LYS B 86 7.59 40.76 -19.29
CA LYS B 86 6.60 40.87 -20.38
C LYS B 86 5.68 39.69 -20.60
N CYS B 87 5.97 38.55 -19.96
CA CYS B 87 5.29 37.27 -20.24
C CYS B 87 4.64 36.61 -18.99
N GLN B 88 3.33 36.68 -18.93
CA GLN B 88 2.55 36.06 -17.91
C GLN B 88 1.46 35.24 -18.53
N HIS B 89 1.39 33.98 -18.14
CA HIS B 89 0.48 33.05 -18.79
C HIS B 89 0.33 31.91 -17.80
N GLU B 90 -0.83 31.27 -17.87
CA GLU B 90 -1.27 30.09 -17.10
C GLU B 90 -0.23 28.91 -17.14
N ASN B 91 0.49 28.81 -18.23
CA ASN B 91 1.49 27.76 -18.47
C ASN B 91 2.95 28.22 -18.53
N LEU B 92 3.29 29.27 -17.77
CA LEU B 92 4.65 29.75 -17.61
C LEU B 92 4.80 29.94 -16.13
N VAL B 93 6.01 29.72 -15.64
CA VAL B 93 6.28 29.99 -14.23
C VAL B 93 6.13 31.47 -13.90
N GLU B 94 5.94 31.78 -12.61
CA GLU B 94 5.75 33.15 -12.16
C GLU B 94 6.90 33.59 -11.28
N LEU B 95 7.61 34.64 -11.69
CA LEU B 95 8.70 35.26 -10.90
C LEU B 95 8.13 36.26 -9.88
N LEU B 96 8.62 36.21 -8.67
CA LEU B 96 8.12 37.18 -7.69
C LEU B 96 9.13 38.30 -7.40
N GLY B 97 10.39 38.03 -7.67
CA GLY B 97 11.47 38.84 -7.20
C GLY B 97 12.85 38.31 -7.51
N PHE B 98 13.83 39.06 -7.01
CA PHE B 98 15.22 38.74 -7.25
C PHE B 98 16.07 39.36 -6.15
N SER B 99 17.30 38.89 -6.05
CA SER B 99 18.27 39.48 -5.14
C SER B 99 19.50 39.68 -5.99
N SER B 100 19.91 40.94 -6.12
CA SER B 100 21.06 41.31 -6.95
C SER B 100 22.32 41.75 -6.17
N ASP B 101 22.19 42.02 -4.87
CA ASP B 101 23.35 42.35 -4.03
C ASP B 101 24.14 41.12 -3.59
N GLY B 102 24.59 41.08 -2.32
CA GLY B 102 25.44 40.00 -1.76
C GLY B 102 26.11 39.04 -2.75
N ASP B 103 26.63 39.62 -3.84
CA ASP B 103 26.71 39.00 -5.19
C ASP B 103 26.68 37.46 -5.37
N ASP B 104 25.66 36.84 -4.78
CA ASP B 104 25.06 35.67 -5.37
C ASP B 104 23.79 36.24 -5.98
N LEU B 105 23.55 35.95 -7.24
CA LEU B 105 22.31 36.37 -7.84
C LEU B 105 21.23 35.33 -7.54
N CYS B 106 20.08 35.81 -7.09
CA CYS B 106 18.95 34.96 -6.73
C CYS B 106 17.72 35.33 -7.49
N LEU B 107 16.94 34.33 -7.86
CA LEU B 107 15.63 34.52 -8.48
C LEU B 107 14.60 33.80 -7.62
N VAL B 108 13.52 34.49 -7.34
CA VAL B 108 12.48 33.99 -6.47
C VAL B 108 11.14 33.79 -7.21
N TYR B 109 10.56 32.60 -7.10
CA TYR B 109 9.39 32.20 -7.88
C TYR B 109 8.26 31.66 -7.02
N VAL B 110 7.04 31.73 -7.49
CA VAL B 110 5.93 30.94 -6.93
C VAL B 110 6.28 29.42 -7.02
N TYR B 111 6.21 28.72 -5.88
CA TYR B 111 6.57 27.30 -5.77
C TYR B 111 5.68 26.37 -6.59
N MET B 112 6.31 25.42 -7.26
CA MET B 112 5.62 24.43 -8.06
C MET B 112 5.80 23.13 -7.24
N PRO B 113 4.74 22.69 -6.51
CA PRO B 113 4.87 21.55 -5.60
C PRO B 113 5.25 20.21 -6.19
N ASN B 114 5.02 20.03 -7.48
CA ASN B 114 5.22 18.73 -8.10
C ASN B 114 6.51 18.67 -9.00
N GLY B 115 7.40 19.65 -8.85
CA GLY B 115 8.72 19.64 -9.55
C GLY B 115 8.68 19.52 -11.08
N SER B 116 9.61 18.79 -11.66
CA SER B 116 9.65 18.79 -13.08
C SER B 116 8.90 17.62 -13.73
N LEU B 117 8.54 17.81 -14.99
CA LEU B 117 8.07 16.69 -15.76
C LEU B 117 9.11 15.54 -15.81
N LEU B 118 10.40 15.86 -16.05
CA LEU B 118 11.42 14.81 -16.07
C LEU B 118 11.40 13.88 -14.83
N ASP B 119 11.33 14.48 -13.66
CA ASP B 119 11.44 13.75 -12.43
C ASP B 119 10.18 13.01 -12.10
N ARG B 120 9.06 13.58 -12.48
CA ARG B 120 7.75 12.85 -12.40
C ARG B 120 7.67 11.62 -13.34
N LEU B 121 8.24 11.78 -14.54
CA LEU B 121 8.31 10.63 -15.47
C LEU B 121 9.24 9.49 -14.99
N SER B 122 10.26 9.82 -14.22
CA SER B 122 11.13 8.85 -13.62
C SER B 122 10.71 8.42 -12.22
N CYS B 123 9.67 9.07 -11.68
CA CYS B 123 9.07 8.69 -10.38
C CYS B 123 10.07 8.93 -9.32
N LEU B 124 10.90 9.96 -9.54
CA LEU B 124 12.01 10.31 -8.58
C LEU B 124 11.36 10.50 -7.18
N ASP B 125 12.10 10.08 -6.14
CA ASP B 125 11.67 10.17 -4.75
C ASP B 125 10.37 9.44 -4.47
N GLY B 126 10.10 8.42 -5.30
CA GLY B 126 8.99 7.51 -5.10
C GLY B 126 7.58 8.00 -5.36
N THR B 127 7.44 9.07 -6.17
CA THR B 127 6.12 9.57 -6.53
C THR B 127 5.47 8.58 -7.52
N PRO B 128 4.10 8.48 -7.50
CA PRO B 128 3.34 7.57 -8.35
C PRO B 128 3.52 7.93 -9.85
N PRO B 129 3.55 6.93 -10.77
CA PRO B 129 3.59 7.16 -12.24
C PRO B 129 2.45 8.02 -12.69
N LEU B 130 2.73 8.98 -13.59
CA LEU B 130 1.68 9.77 -14.20
C LEU B 130 0.75 8.95 -15.12
N SER B 131 -0.58 9.10 -14.94
CA SER B 131 -1.51 8.37 -15.83
C SER B 131 -1.49 9.03 -17.16
N TRP B 132 -2.04 8.34 -18.17
CA TRP B 132 -2.10 8.78 -19.54
C TRP B 132 -3.00 10.03 -19.59
N HIS B 133 -4.09 9.98 -18.81
CA HIS B 133 -4.93 11.17 -18.63
C HIS B 133 -4.17 12.44 -18.20
N MET B 134 -3.34 12.35 -17.16
CA MET B 134 -2.50 13.49 -16.76
C MET B 134 -1.40 13.91 -17.79
N ARG B 135 -0.81 12.96 -18.50
CA ARG B 135 0.21 13.25 -19.55
C ARG B 135 -0.34 14.02 -20.76
N CYS B 136 -1.56 13.71 -21.16
CA CYS B 136 -2.31 14.50 -22.13
C CYS B 136 -2.56 15.97 -21.80
N LYS B 137 -3.11 16.22 -20.60
CA LYS B 137 -3.20 17.56 -20.02
C LYS B 137 -1.85 18.30 -19.98
N ILE B 138 -0.84 17.60 -19.52
CA ILE B 138 0.46 18.18 -19.46
C ILE B 138 0.98 18.55 -20.86
N ALA B 139 0.80 17.66 -21.85
CA ALA B 139 1.30 17.91 -23.22
C ALA B 139 0.58 19.15 -23.75
N GLN B 140 -0.73 19.24 -23.49
CA GLN B 140 -1.56 20.34 -23.97
C GLN B 140 -1.11 21.62 -23.32
N GLY B 141 -0.96 21.59 -21.99
CA GLY B 141 -0.46 22.72 -21.23
C GLY B 141 0.88 23.29 -21.72
N ALA B 142 1.86 22.41 -21.99
CA ALA B 142 3.19 22.81 -22.43
C ALA B 142 3.12 23.46 -23.82
N ALA B 143 2.29 22.91 -24.70
CA ALA B 143 2.09 23.43 -26.03
C ALA B 143 1.51 24.85 -25.98
N ASN B 144 0.51 25.07 -25.09
CA ASN B 144 -0.01 26.41 -24.71
C ASN B 144 0.99 27.44 -24.18
N GLY B 145 1.90 27.01 -23.32
CA GLY B 145 3.04 27.83 -22.87
C GLY B 145 3.90 28.31 -24.05
N ILE B 146 4.35 27.37 -24.86
CA ILE B 146 5.15 27.67 -26.07
C ILE B 146 4.39 28.53 -27.06
N ASN B 147 3.11 28.28 -27.26
CA ASN B 147 2.37 29.21 -28.10
C ASN B 147 2.43 30.66 -27.61
N PHE B 148 2.29 30.86 -26.31
CA PHE B 148 2.32 32.20 -25.76
C PHE B 148 3.69 32.89 -26.04
N LEU B 149 4.76 32.16 -25.80
CA LEU B 149 6.11 32.68 -26.01
C LEU B 149 6.25 33.15 -27.46
N HIS B 150 5.84 32.27 -28.39
CA HIS B 150 6.04 32.48 -29.83
C HIS B 150 5.11 33.59 -30.37
N GLU B 151 3.85 33.64 -29.92
CA GLU B 151 2.91 34.80 -30.12
C GLU B 151 3.52 36.11 -29.62
N ASN B 152 4.32 36.05 -28.57
CA ASN B 152 5.04 37.21 -28.11
C ASN B 152 6.49 37.35 -28.57
N HIS B 153 6.85 36.61 -29.62
CA HIS B 153 8.13 36.74 -30.34
C HIS B 153 9.35 36.34 -29.52
N HIS B 154 9.19 35.31 -28.69
CA HIS B 154 10.32 34.74 -27.98
C HIS B 154 10.61 33.31 -28.45
N ILE B 155 11.89 33.00 -28.54
CA ILE B 155 12.39 31.67 -28.81
C ILE B 155 12.98 31.21 -27.48
N HIS B 156 12.61 30.02 -27.03
CA HIS B 156 13.01 29.58 -25.73
C HIS B 156 14.42 29.08 -25.72
N ARG B 157 14.70 28.18 -26.66
CA ARG B 157 16.05 27.66 -27.01
C ARG B 157 16.49 26.54 -26.07
N ASP B 158 15.67 26.21 -25.07
CA ASP B 158 15.99 25.02 -24.23
C ASP B 158 14.74 24.34 -23.63
N ILE B 159 13.85 23.92 -24.52
CA ILE B 159 12.61 23.22 -24.18
C ILE B 159 13.04 21.75 -23.89
N LYS B 160 12.76 21.30 -22.69
CA LYS B 160 13.15 19.91 -22.28
C LYS B 160 12.23 19.53 -21.12
N SER B 161 12.03 18.25 -20.83
CA SER B 161 11.04 17.92 -19.78
C SER B 161 11.55 18.51 -18.45
N ALA B 162 12.85 18.73 -18.32
CA ALA B 162 13.38 19.38 -17.04
C ALA B 162 12.94 20.83 -16.76
N ASN B 163 12.53 21.53 -17.82
CA ASN B 163 12.13 22.94 -17.84
C ASN B 163 10.61 23.05 -18.04
N ILE B 164 9.90 21.95 -17.81
CA ILE B 164 8.44 21.93 -17.65
C ILE B 164 8.20 21.58 -16.19
N LEU B 165 7.74 22.59 -15.43
CA LEU B 165 7.32 22.38 -13.97
C LEU B 165 5.83 22.05 -13.78
N LEU B 166 5.47 21.37 -12.67
CA LEU B 166 4.12 20.85 -12.44
C LEU B 166 3.59 21.48 -11.11
N ASP B 167 2.39 22.06 -11.15
CA ASP B 167 1.87 22.79 -10.01
C ASP B 167 1.06 21.83 -9.18
N GLU B 168 0.26 22.39 -8.28
CA GLU B 168 -0.46 21.51 -7.35
C GLU B 168 -1.64 20.84 -7.99
N ALA B 169 -1.97 21.21 -9.23
CA ALA B 169 -2.89 20.40 -10.01
C ALA B 169 -2.21 19.69 -11.18
N PHE B 170 -0.89 19.66 -11.20
CA PHE B 170 -0.16 19.10 -12.34
C PHE B 170 -0.44 19.85 -13.66
N THR B 171 -0.71 21.12 -13.53
CA THR B 171 -0.68 21.98 -14.70
C THR B 171 0.78 22.20 -15.11
N ALA B 172 1.07 21.99 -16.40
CA ALA B 172 2.42 22.23 -16.91
C ALA B 172 2.81 23.71 -17.00
N LYS B 173 3.97 24.09 -16.43
CA LYS B 173 4.51 25.42 -16.67
C LYS B 173 5.97 25.43 -17.21
N ILE B 174 6.19 26.17 -18.30
CA ILE B 174 7.53 26.36 -18.86
C ILE B 174 8.32 27.28 -17.93
N SER B 175 9.58 26.95 -17.75
CA SER B 175 10.52 27.71 -16.95
C SER B 175 11.85 27.80 -17.66
N ASP B 176 12.78 28.54 -17.03
CA ASP B 176 14.19 28.75 -17.40
C ASP B 176 14.31 29.47 -18.76
N PHE B 177 14.08 30.77 -18.74
CA PHE B 177 14.18 31.62 -19.91
C PHE B 177 15.50 32.37 -19.97
N GLY B 178 16.54 31.84 -19.30
CA GLY B 178 17.86 32.54 -19.24
C GLY B 178 18.63 32.66 -20.55
N LEU B 179 18.26 31.84 -21.53
CA LEU B 179 18.91 31.79 -22.84
C LEU B 179 17.94 32.16 -23.96
N ALA B 180 16.68 32.50 -23.62
CA ALA B 180 15.65 32.93 -24.58
C ALA B 180 16.09 34.07 -25.50
N ARG B 181 15.50 34.15 -26.70
CA ARG B 181 15.82 35.19 -27.70
C ARG B 181 14.58 35.86 -28.26
N ALA B 182 14.64 37.18 -28.41
CA ALA B 182 13.64 37.86 -29.23
C ALA B 182 13.75 37.31 -30.64
N SER B 183 12.62 36.94 -31.22
CA SER B 183 12.59 36.65 -32.64
C SER B 183 11.99 37.86 -33.38
N GLU B 184 11.83 37.69 -34.69
CA GLU B 184 10.95 38.50 -35.53
C GLU B 184 10.65 37.59 -36.73
N LYS B 185 9.44 37.66 -37.28
CA LYS B 185 8.97 36.63 -38.26
C LYS B 185 9.92 36.40 -39.46
N PHE B 186 10.84 35.44 -39.25
CA PHE B 186 12.01 35.14 -40.11
C PHE B 186 12.55 36.31 -40.96
N ALA B 187 13.32 37.18 -40.28
CA ALA B 187 13.98 38.34 -40.92
C ALA B 187 14.90 37.88 -42.06
N GLN B 188 15.56 36.73 -41.85
CA GLN B 188 16.29 35.93 -42.86
C GLN B 188 17.42 35.19 -42.19
N THR B 189 17.16 33.93 -41.82
CA THR B 189 18.18 33.02 -41.28
C THR B 189 19.18 33.71 -40.34
N VAL B 190 19.04 33.39 -39.05
CA VAL B 190 19.69 34.09 -37.95
C VAL B 190 20.69 33.14 -37.29
N MET B 191 21.93 33.58 -37.14
CA MET B 191 22.97 32.70 -36.64
C MET B 191 23.66 33.19 -35.36
N TPO B 192 24.32 32.21 -34.74
CA TPO B 192 24.96 32.15 -33.45
CB TPO B 192 24.37 32.02 -32.02
CG2 TPO B 192 23.04 31.28 -32.05
OG1 TPO B 192 24.55 32.92 -30.89
P TPO B 192 24.74 34.43 -30.69
O1P TPO B 192 26.02 34.85 -31.33
O2P TPO B 192 24.85 34.72 -29.23
O3P TPO B 192 23.60 35.23 -31.25
C TPO B 192 26.31 31.77 -33.40
O TPO B 192 26.61 30.73 -33.98
N SEP B 193 27.18 32.49 -32.72
CA SEP B 193 28.53 31.94 -32.56
CB SEP B 193 29.60 33.01 -32.77
OG SEP B 193 29.29 34.15 -32.00
C SEP B 193 28.69 31.20 -31.25
O SEP B 193 29.68 30.49 -31.07
P SEP B 193 30.53 35.18 -32.02
O1P SEP B 193 30.46 35.93 -33.45
O2P SEP B 193 30.27 36.17 -30.76
O3P SEP B 193 31.91 34.38 -31.79
N ARG B 194 27.73 31.35 -30.35
CA ARG B 194 27.66 30.53 -29.11
C ARG B 194 26.41 29.62 -29.17
N ILE B 195 26.66 28.35 -29.52
CA ILE B 195 25.59 27.38 -29.65
C ILE B 195 25.24 26.91 -28.25
N VAL B 196 24.01 27.21 -27.87
CA VAL B 196 23.45 26.79 -26.57
C VAL B 196 22.22 25.87 -26.73
N GLY B 197 22.00 25.06 -25.70
CA GLY B 197 20.84 24.28 -25.58
C GLY B 197 21.26 22.94 -25.01
N THR B 198 20.34 21.99 -25.03
CA THR B 198 20.68 20.63 -24.49
C THR B 198 20.69 19.69 -25.69
N THR B 199 21.85 19.09 -25.98
CA THR B 199 22.10 18.27 -27.22
C THR B 199 21.00 17.28 -27.58
N ALA B 200 20.62 16.42 -26.64
CA ALA B 200 19.58 15.41 -26.84
C ALA B 200 18.21 15.89 -27.28
N TYR B 201 17.90 17.16 -27.03
CA TYR B 201 16.67 17.76 -27.51
C TYR B 201 16.81 18.72 -28.70
N MET B 202 18.00 18.90 -29.26
CA MET B 202 18.20 19.94 -30.28
C MET B 202 17.95 19.51 -31.72
N ALA B 203 17.32 20.41 -32.43
CA ALA B 203 17.10 20.30 -33.88
C ALA B 203 18.48 20.41 -34.55
N PRO B 204 18.65 19.83 -35.73
CA PRO B 204 19.98 19.88 -36.32
C PRO B 204 20.40 21.30 -36.78
N GLU B 205 19.49 22.11 -37.29
CA GLU B 205 19.83 23.51 -37.52
C GLU B 205 20.21 24.28 -36.26
N ALA B 206 19.60 23.94 -35.11
CA ALA B 206 20.08 24.54 -33.86
C ALA B 206 21.46 24.08 -33.51
N LEU B 207 21.81 22.83 -33.85
CA LEU B 207 23.15 22.32 -33.43
C LEU B 207 24.30 22.96 -34.33
N ARG B 208 23.87 23.69 -35.34
CA ARG B 208 24.75 24.37 -36.31
C ARG B 208 24.70 25.88 -36.19
N GLY B 209 23.82 26.38 -35.30
CA GLY B 209 23.95 27.73 -34.80
C GLY B 209 22.85 28.63 -35.26
N GLU B 210 21.86 28.07 -35.91
CA GLU B 210 20.71 28.82 -36.31
C GLU B 210 19.83 29.10 -35.09
N ILE B 211 19.25 30.27 -35.07
CA ILE B 211 18.26 30.66 -34.08
C ILE B 211 16.92 30.87 -34.73
N THR B 212 15.99 29.98 -34.41
CA THR B 212 14.62 29.99 -35.02
C THR B 212 13.56 29.37 -34.08
N PRO B 213 12.30 29.90 -34.06
CA PRO B 213 11.26 29.26 -33.28
C PRO B 213 11.01 27.83 -33.67
N LYS B 214 11.47 27.47 -34.88
CA LYS B 214 11.22 26.14 -35.45
C LYS B 214 11.95 25.09 -34.68
N SER B 215 13.06 25.46 -34.02
CA SER B 215 13.85 24.58 -33.22
C SER B 215 13.24 24.22 -31.83
N ASP B 216 12.54 25.18 -31.21
CA ASP B 216 11.67 24.93 -30.03
C ASP B 216 10.66 23.82 -30.31
N ILE B 217 10.02 23.90 -31.49
CA ILE B 217 9.05 22.84 -31.86
C ILE B 217 9.67 21.44 -31.91
N TYR B 218 10.90 21.39 -32.41
CA TYR B 218 11.53 20.14 -32.57
C TYR B 218 11.78 19.59 -31.20
N SER B 219 12.33 20.43 -30.33
CA SER B 219 12.60 20.05 -28.95
C SER B 219 11.33 19.58 -28.20
N PHE B 220 10.24 20.28 -28.41
CA PHE B 220 8.91 19.73 -27.98
C PHE B 220 8.58 18.30 -28.51
N GLY B 221 8.93 17.94 -29.76
CA GLY B 221 8.66 16.59 -30.22
C GLY B 221 9.45 15.57 -29.39
N VAL B 222 10.65 15.93 -28.97
CA VAL B 222 11.39 15.00 -28.11
C VAL B 222 10.61 14.83 -26.78
N VAL B 223 10.12 15.95 -26.24
CA VAL B 223 9.35 16.00 -24.94
C VAL B 223 8.15 15.10 -25.05
N LEU B 224 7.43 15.18 -26.18
CA LEU B 224 6.31 14.27 -26.42
C LEU B 224 6.70 12.78 -26.38
N LEU B 225 7.88 12.44 -26.93
CA LEU B 225 8.29 11.04 -26.86
C LEU B 225 8.61 10.65 -25.43
N GLU B 226 9.23 11.54 -24.64
CA GLU B 226 9.45 11.27 -23.20
C GLU B 226 8.09 11.03 -22.49
N ILE B 227 7.09 11.83 -22.85
CA ILE B 227 5.72 11.63 -22.32
C ILE B 227 5.06 10.24 -22.64
N ILE B 228 5.13 9.83 -23.91
CA ILE B 228 4.71 8.50 -24.35
C ILE B 228 5.42 7.29 -23.71
N THR B 229 6.75 7.39 -23.68
CA THR B 229 7.53 6.22 -23.45
C THR B 229 7.96 6.23 -22.04
N GLY B 230 7.96 7.41 -21.44
CA GLY B 230 8.52 7.54 -20.07
C GLY B 230 10.08 7.47 -19.95
N LEU B 231 10.79 7.54 -21.06
CA LEU B 231 12.26 7.37 -21.10
C LEU B 231 12.97 8.72 -21.18
N PRO B 232 14.16 8.89 -20.53
CA PRO B 232 14.80 10.18 -20.76
C PRO B 232 15.36 10.30 -22.17
N ALA B 233 15.47 11.57 -22.62
CA ALA B 233 15.95 11.90 -23.94
C ALA B 233 17.31 11.28 -24.15
N VAL B 234 18.15 11.28 -23.11
CA VAL B 234 19.43 10.59 -23.24
C VAL B 234 19.66 9.66 -22.03
N ASP B 235 20.15 8.48 -22.30
CA ASP B 235 20.57 7.56 -21.25
C ASP B 235 21.83 6.93 -21.79
N GLU B 236 22.97 7.29 -21.18
CA GLU B 236 24.28 6.84 -21.59
C GLU B 236 24.44 5.33 -21.45
N HIS B 237 23.74 4.75 -20.45
CA HIS B 237 23.73 3.30 -20.24
C HIS B 237 22.61 2.55 -20.98
N ARG B 238 21.99 3.21 -21.97
CA ARG B 238 20.90 2.56 -22.76
C ARG B 238 21.28 2.41 -24.20
N GLU B 239 20.61 1.50 -24.91
CA GLU B 239 20.68 1.40 -26.36
C GLU B 239 19.27 1.46 -26.97
N PRO B 240 18.93 2.53 -27.75
CA PRO B 240 19.72 3.70 -28.25
C PRO B 240 19.94 4.73 -27.15
N GLN B 241 21.07 5.44 -27.19
CA GLN B 241 21.38 6.42 -26.14
C GLN B 241 20.42 7.56 -26.20
N LEU B 242 20.07 7.95 -27.42
CA LEU B 242 19.19 9.11 -27.66
C LEU B 242 17.80 8.63 -27.99
N LEU B 243 16.78 9.15 -27.29
CA LEU B 243 15.36 8.78 -27.59
C LEU B 243 14.96 9.10 -29.01
N LEU B 244 15.39 10.26 -29.51
CA LEU B 244 15.32 10.61 -30.92
C LEU B 244 15.34 9.43 -31.90
N ASP B 245 16.26 8.48 -31.68
CA ASP B 245 16.51 7.36 -32.61
C ASP B 245 15.34 6.43 -32.76
N ILE B 246 14.40 6.56 -31.83
CA ILE B 246 13.23 5.72 -31.79
C ILE B 246 12.32 6.01 -32.94
N LYS B 247 12.21 7.28 -33.30
CA LYS B 247 11.45 7.66 -34.49
C LYS B 247 11.95 6.87 -35.74
N GLU B 248 13.27 6.66 -35.81
CA GLU B 248 13.81 5.93 -36.98
C GLU B 248 13.57 4.43 -36.88
N GLU B 249 13.67 3.86 -35.69
CA GLU B 249 13.37 2.45 -35.52
C GLU B 249 11.96 2.11 -35.91
N ILE B 250 11.04 3.00 -35.57
CA ILE B 250 9.63 2.85 -35.75
C ILE B 250 9.35 3.11 -37.21
N GLU B 251 9.86 4.23 -37.72
CA GLU B 251 9.67 4.52 -39.14
C GLU B 251 10.26 3.45 -40.08
N ASP B 252 11.35 2.80 -39.67
CA ASP B 252 11.92 1.69 -40.45
C ASP B 252 11.36 0.31 -40.09
N GLU B 253 10.22 0.26 -39.41
CA GLU B 253 9.53 -0.99 -39.01
C GLU B 253 10.31 -2.01 -38.19
N GLU B 254 11.43 -1.58 -37.61
CA GLU B 254 12.18 -2.41 -36.69
C GLU B 254 11.51 -2.52 -35.32
N LYS B 255 10.69 -1.53 -35.00
CA LYS B 255 9.97 -1.47 -33.74
C LYS B 255 8.61 -0.82 -33.97
N THR B 256 7.71 -0.98 -32.99
CA THR B 256 6.41 -0.33 -32.98
C THR B 256 6.37 0.72 -31.86
N ILE B 257 5.47 1.71 -31.93
CA ILE B 257 5.33 2.64 -30.81
C ILE B 257 4.77 1.89 -29.58
N GLU B 258 3.94 0.87 -29.81
CA GLU B 258 3.52 -0.04 -28.75
C GLU B 258 4.68 -0.72 -27.99
N ASP B 259 5.79 -1.03 -28.66
CA ASP B 259 6.95 -1.59 -27.96
C ASP B 259 7.53 -0.55 -27.00
N TYR B 260 7.20 0.72 -27.26
CA TYR B 260 7.81 1.83 -26.52
C TYR B 260 6.89 2.56 -25.48
N ILE B 261 5.56 2.41 -25.61
CA ILE B 261 4.63 3.06 -24.64
C ILE B 261 5.07 2.76 -23.23
N ASP B 262 5.06 3.79 -22.37
CA ASP B 262 5.38 3.59 -20.95
C ASP B 262 4.47 2.45 -20.36
N LYS B 263 5.05 1.38 -19.82
CA LYS B 263 4.30 0.29 -19.15
C LYS B 263 3.80 0.64 -17.70
N LYS B 264 4.35 1.71 -17.12
CA LYS B 264 3.82 2.20 -15.83
C LYS B 264 2.51 3.04 -15.92
N MET B 265 1.56 2.61 -16.73
CA MET B 265 0.30 3.29 -16.88
C MET B 265 -0.71 2.21 -17.10
N ASN B 266 -1.94 2.40 -16.63
CA ASN B 266 -3.03 1.43 -16.90
C ASN B 266 -4.13 1.96 -17.84
N ASP B 267 -4.07 3.24 -18.17
CA ASP B 267 -5.12 3.91 -18.93
C ASP B 267 -4.75 4.45 -20.34
N ALA B 268 -3.63 4.02 -20.92
CA ALA B 268 -3.35 4.50 -22.31
C ALA B 268 -4.30 3.78 -23.29
N ASP B 269 -4.83 4.50 -24.31
CA ASP B 269 -5.51 3.79 -25.43
C ASP B 269 -4.71 4.02 -26.72
N SER B 270 -4.81 3.10 -27.67
CA SER B 270 -4.02 3.18 -28.90
C SER B 270 -4.28 4.37 -29.79
N THR B 271 -5.54 4.82 -29.88
CA THR B 271 -5.88 5.99 -30.70
C THR B 271 -5.25 7.32 -30.25
N SER B 272 -5.34 7.65 -28.97
CA SER B 272 -4.73 8.85 -28.42
C SER B 272 -3.19 8.80 -28.43
N VAL B 273 -2.60 7.64 -28.12
CA VAL B 273 -1.18 7.49 -28.10
C VAL B 273 -0.60 7.69 -29.50
N GLU B 274 -1.25 7.09 -30.49
CA GLU B 274 -0.87 7.23 -31.86
C GLU B 274 -1.05 8.63 -32.41
N ALA B 275 -2.06 9.32 -31.93
CA ALA B 275 -2.29 10.71 -32.29
C ALA B 275 -1.21 11.64 -31.65
N MET B 276 -0.77 11.35 -30.42
CA MET B 276 0.34 12.08 -29.80
C MET B 276 1.68 11.75 -30.51
N TYR B 277 1.88 10.48 -30.85
CA TYR B 277 3.08 10.10 -31.57
C TYR B 277 3.18 10.77 -32.94
N SER B 278 2.05 10.90 -33.63
CA SER B 278 1.98 11.57 -34.92
C SER B 278 2.25 13.09 -34.87
N VAL B 279 1.83 13.74 -33.78
CA VAL B 279 2.32 15.10 -33.43
C VAL B 279 3.85 15.11 -33.22
N ALA B 280 4.35 14.18 -32.40
CA ALA B 280 5.77 14.18 -32.07
C ALA B 280 6.60 14.00 -33.35
N SER B 281 6.18 13.07 -34.20
CA SER B 281 6.96 12.71 -35.38
C SER B 281 6.98 13.89 -36.42
N GLN B 282 5.91 14.67 -36.51
CA GLN B 282 5.88 15.92 -37.29
C GLN B 282 6.76 17.00 -36.73
N CYS B 283 6.71 17.17 -35.40
CA CYS B 283 7.57 18.13 -34.76
C CYS B 283 9.02 17.81 -35.09
N LEU B 284 9.33 16.53 -35.22
CA LEU B 284 10.68 16.04 -35.37
C LEU B 284 11.13 15.93 -36.86
N HIS B 285 10.39 16.48 -37.81
CA HIS B 285 10.94 16.50 -39.18
C HIS B 285 12.32 17.14 -39.22
N GLU B 286 13.30 16.44 -39.79
CA GLU B 286 14.66 16.97 -39.89
C GLU B 286 14.74 18.31 -40.63
N LYS B 287 13.69 18.68 -41.33
CA LYS B 287 13.65 19.88 -42.15
C LYS B 287 12.67 20.89 -41.55
N LYS B 288 13.23 21.97 -40.99
CA LYS B 288 12.52 22.99 -40.16
C LYS B 288 11.24 23.52 -40.80
N ASN B 289 11.31 23.72 -42.11
CA ASN B 289 10.16 24.30 -42.77
C ASN B 289 9.04 23.27 -43.00
N LYS B 290 9.37 21.99 -42.88
CA LYS B 290 8.34 20.96 -42.97
C LYS B 290 7.54 20.76 -41.67
N ARG B 291 8.09 21.19 -40.54
CA ARG B 291 7.47 21.00 -39.21
C ARG B 291 6.28 21.91 -39.06
N PRO B 292 5.28 21.46 -38.27
CA PRO B 292 4.10 22.29 -37.97
C PRO B 292 4.49 23.50 -37.11
N ASP B 293 3.77 24.62 -37.17
CA ASP B 293 4.04 25.66 -36.20
C ASP B 293 3.36 25.31 -34.87
N ILE B 294 3.60 26.10 -33.82
CA ILE B 294 3.10 25.76 -32.47
C ILE B 294 1.56 25.82 -32.43
N LYS B 295 1.02 26.74 -33.20
CA LYS B 295 -0.43 26.85 -33.38
C LYS B 295 -1.03 25.54 -33.89
N LYS B 296 -0.39 24.95 -34.89
CA LYS B 296 -0.80 23.65 -35.42
C LYS B 296 -0.71 22.51 -34.39
N VAL B 297 0.43 22.43 -33.72
CA VAL B 297 0.69 21.46 -32.66
C VAL B 297 -0.42 21.58 -31.59
N GLN B 298 -0.65 22.80 -31.10
CA GLN B 298 -1.78 23.11 -30.18
C GLN B 298 -3.10 22.53 -30.69
N GLN B 299 -3.43 22.78 -31.96
CA GLN B 299 -4.67 22.24 -32.53
C GLN B 299 -4.69 20.74 -32.55
N LEU B 300 -3.62 20.13 -33.06
CA LEU B 300 -3.53 18.67 -33.13
C LEU B 300 -3.76 17.98 -31.76
N LEU B 301 -3.17 18.50 -30.71
CA LEU B 301 -3.25 17.90 -29.38
C LEU B 301 -4.64 18.13 -28.78
N GLN B 302 -5.31 19.20 -29.24
CA GLN B 302 -6.69 19.49 -28.87
C GLN B 302 -7.63 18.45 -29.49
N GLU B 303 -7.45 18.16 -30.78
CA GLU B 303 -8.17 17.08 -31.48
C GLU B 303 -7.87 15.66 -30.91
N MET B 304 -6.61 15.30 -30.73
CA MET B 304 -6.29 14.08 -29.97
C MET B 304 -7.30 13.75 -28.84
N THR B 305 -7.72 14.75 -28.06
CA THR B 305 -8.72 14.49 -27.01
C THR B 305 -10.13 15.03 -27.33
N ARG C 11 -5.38 -33.25 0.85
CA ARG C 11 -5.37 -31.85 1.38
C ARG C 11 -6.06 -30.89 0.42
N PHE C 12 -6.09 -31.24 -0.86
CA PHE C 12 -6.49 -30.31 -1.91
C PHE C 12 -7.82 -30.63 -2.59
N HIS C 13 -8.40 -29.63 -3.25
CA HIS C 13 -9.63 -29.87 -3.96
C HIS C 13 -9.35 -30.45 -5.37
N SER C 14 -10.38 -30.51 -6.21
CA SER C 14 -10.28 -31.17 -7.52
C SER C 14 -11.37 -30.54 -8.38
N PHE C 15 -10.98 -29.63 -9.25
CA PHE C 15 -11.97 -28.95 -10.06
C PHE C 15 -12.16 -29.59 -11.44
N SER C 16 -13.35 -29.44 -11.98
CA SER C 16 -13.56 -29.65 -13.37
C SER C 16 -13.18 -28.36 -14.11
N PHE C 17 -12.76 -28.55 -15.36
CA PHE C 17 -12.24 -27.47 -16.15
C PHE C 17 -13.26 -26.35 -16.42
N TYR C 18 -14.40 -26.69 -17.03
CA TYR C 18 -15.50 -25.70 -17.24
C TYR C 18 -15.64 -24.77 -15.98
N GLU C 19 -15.72 -25.37 -14.79
CA GLU C 19 -15.71 -24.65 -13.50
C GLU C 19 -14.79 -23.44 -13.55
N LEU C 20 -13.59 -23.68 -14.12
CA LEU C 20 -12.52 -22.72 -14.20
C LEU C 20 -12.55 -21.80 -15.45
N LYS C 21 -13.13 -22.30 -16.56
CA LYS C 21 -13.60 -21.46 -17.72
C LYS C 21 -14.56 -20.35 -17.31
N ASN C 22 -15.71 -20.72 -16.78
CA ASN C 22 -16.70 -19.65 -16.52
C ASN C 22 -16.55 -18.78 -15.25
N VAL C 23 -15.77 -19.22 -14.26
CA VAL C 23 -15.31 -18.33 -13.15
C VAL C 23 -14.25 -17.27 -13.55
N THR C 24 -13.65 -17.42 -14.76
CA THR C 24 -12.56 -16.56 -15.26
C THR C 24 -13.01 -15.79 -16.50
N ASN C 25 -14.31 -15.86 -16.83
CA ASN C 25 -14.83 -15.38 -18.13
C ASN C 25 -14.23 -16.03 -19.39
N ASN C 26 -14.32 -17.37 -19.37
CA ASN C 26 -13.71 -18.21 -20.40
C ASN C 26 -12.28 -17.73 -20.60
N PHE C 27 -11.44 -17.84 -19.59
CA PHE C 27 -10.07 -17.42 -19.72
C PHE C 27 -9.93 -16.17 -20.60
N ASP C 28 -10.57 -15.08 -20.13
CA ASP C 28 -10.63 -13.77 -20.82
C ASP C 28 -9.20 -13.29 -20.93
N GLU C 29 -8.64 -13.35 -22.13
CA GLU C 29 -7.25 -12.93 -22.25
C GLU C 29 -7.04 -11.40 -22.17
N ARG C 30 -8.12 -10.68 -21.87
CA ARG C 30 -8.01 -9.24 -21.67
C ARG C 30 -7.30 -8.97 -20.31
N PRO C 31 -6.43 -7.93 -20.26
CA PRO C 31 -5.71 -7.69 -19.00
C PRO C 31 -6.73 -7.19 -17.96
N ILE C 32 -6.53 -7.61 -16.72
CA ILE C 32 -7.33 -7.20 -15.58
C ILE C 32 -7.30 -5.66 -15.44
N SER C 33 -6.16 -5.05 -15.79
CA SER C 33 -5.97 -3.57 -15.81
C SER C 33 -7.08 -2.77 -16.49
N VAL C 34 -7.79 -3.42 -17.44
CA VAL C 34 -8.86 -2.81 -18.20
C VAL C 34 -10.12 -3.70 -18.13
N GLY C 35 -10.24 -4.43 -17.02
CA GLY C 35 -11.45 -5.18 -16.72
C GLY C 35 -11.45 -6.65 -17.15
N GLY C 36 -10.32 -7.14 -17.65
CA GLY C 36 -10.25 -8.50 -18.14
C GLY C 36 -9.97 -9.44 -16.99
N ASN C 37 -9.45 -10.61 -17.33
CA ASN C 37 -9.11 -11.65 -16.36
C ASN C 37 -7.64 -12.13 -16.38
N LYS C 38 -6.95 -11.82 -17.46
CA LYS C 38 -5.57 -12.25 -17.63
C LYS C 38 -4.64 -11.41 -16.78
N MET C 39 -3.86 -12.10 -15.95
CA MET C 39 -2.93 -11.45 -15.06
C MET C 39 -1.48 -11.67 -15.50
N GLY C 40 -1.13 -12.88 -15.93
CA GLY C 40 0.27 -13.17 -16.29
C GLY C 40 0.54 -14.14 -17.44
N GLU C 41 1.61 -13.87 -18.21
CA GLU C 41 2.03 -14.66 -19.40
C GLU C 41 3.44 -15.28 -19.27
N GLY C 42 3.55 -16.60 -19.51
CA GLY C 42 4.87 -17.23 -19.66
C GLY C 42 5.33 -18.30 -18.67
N GLY C 43 5.05 -18.11 -17.38
CA GLY C 43 5.41 -19.10 -16.33
C GLY C 43 4.72 -20.46 -16.54
N PHE C 44 5.43 -21.36 -17.21
CA PHE C 44 4.88 -22.56 -17.89
C PHE C 44 3.35 -22.60 -18.17
N GLY C 45 2.78 -21.40 -18.26
CA GLY C 45 1.37 -21.19 -18.56
C GLY C 45 0.98 -19.72 -18.39
N VAL C 46 -0.32 -19.52 -18.15
CA VAL C 46 -0.92 -18.19 -18.13
C VAL C 46 -1.81 -18.11 -16.86
N VAL C 47 -1.92 -16.93 -16.28
CA VAL C 47 -2.64 -16.79 -15.00
C VAL C 47 -3.81 -15.81 -15.09
N TYR C 48 -4.97 -16.30 -14.61
CA TYR C 48 -6.26 -15.56 -14.65
C TYR C 48 -6.98 -15.42 -13.31
N LYS C 49 -7.42 -14.20 -13.02
CA LYS C 49 -8.19 -13.87 -11.81
C LYS C 49 -9.57 -14.40 -12.04
N GLY C 50 -10.23 -14.78 -10.95
CA GLY C 50 -11.64 -15.14 -11.02
C GLY C 50 -12.20 -15.30 -9.63
N TYR C 51 -13.52 -15.45 -9.50
CA TYR C 51 -14.00 -15.69 -8.15
C TYR C 51 -14.66 -17.05 -7.96
N VAL C 52 -14.20 -17.77 -6.93
CA VAL C 52 -14.87 -19.00 -6.49
C VAL C 52 -15.57 -18.98 -5.09
N ASN C 53 -16.89 -18.75 -5.09
CA ASN C 53 -17.64 -18.87 -3.87
C ASN C 53 -17.18 -17.69 -3.03
N ASN C 54 -17.11 -16.53 -3.65
CA ASN C 54 -16.60 -15.36 -2.93
C ASN C 54 -15.08 -15.32 -2.64
N THR C 55 -14.37 -16.43 -2.76
CA THR C 55 -12.90 -16.49 -2.69
C THR C 55 -12.23 -16.21 -4.04
N THR C 56 -11.62 -15.03 -4.19
CA THR C 56 -10.71 -14.78 -5.32
C THR C 56 -9.54 -15.82 -5.37
N VAL C 57 -9.42 -16.51 -6.51
CA VAL C 57 -8.41 -17.56 -6.68
C VAL C 57 -7.44 -17.24 -7.83
N ALA C 58 -6.35 -18.00 -7.89
CA ALA C 58 -5.43 -17.92 -9.02
C ALA C 58 -5.56 -19.16 -9.84
N VAL C 59 -5.90 -18.96 -11.12
CA VAL C 59 -6.02 -20.07 -12.03
C VAL C 59 -4.84 -20.02 -13.00
N LYS C 60 -3.89 -20.91 -12.73
CA LYS C 60 -2.66 -21.02 -13.50
C LYS C 60 -2.87 -22.15 -14.50
N LYS C 61 -3.06 -21.73 -15.76
CA LYS C 61 -3.39 -22.61 -16.86
C LYS C 61 -2.09 -22.99 -17.59
N LEU C 62 -1.76 -24.29 -17.53
CA LEU C 62 -0.54 -24.83 -18.10
C LEU C 62 -0.67 -25.07 -19.63
N ALA C 63 0.45 -25.01 -20.34
CA ALA C 63 0.48 -25.05 -21.81
C ALA C 63 1.77 -25.65 -22.32
N ALA C 64 1.66 -26.41 -23.42
CA ALA C 64 2.81 -27.10 -24.03
C ALA C 64 3.68 -26.13 -24.82
N MET C 65 4.97 -26.11 -24.48
CA MET C 65 5.98 -25.33 -25.20
C MET C 65 7.08 -26.25 -25.73
N VAL C 66 7.36 -26.14 -27.02
CA VAL C 66 8.37 -26.99 -27.70
C VAL C 66 9.76 -26.80 -27.04
N ASP C 67 10.02 -27.65 -26.04
CA ASP C 67 11.20 -27.61 -25.19
C ASP C 67 10.98 -28.59 -24.03
N ILE C 68 9.70 -28.78 -23.70
CA ILE C 68 9.24 -29.77 -22.71
C ILE C 68 8.08 -30.59 -23.30
N THR C 69 8.09 -31.89 -23.00
CA THR C 69 7.08 -32.84 -23.47
C THR C 69 5.67 -32.56 -22.91
N THR C 70 4.67 -33.23 -23.49
CA THR C 70 3.34 -33.38 -22.87
C THR C 70 3.41 -34.57 -21.88
N GLU C 71 4.51 -34.64 -21.14
CA GLU C 71 4.78 -35.67 -20.16
C GLU C 71 5.97 -35.25 -19.30
N GLU C 72 6.60 -34.13 -19.69
CA GLU C 72 7.49 -33.39 -18.81
C GLU C 72 6.62 -32.40 -18.02
N LEU C 73 5.60 -31.88 -18.72
CA LEU C 73 4.63 -30.95 -18.16
C LEU C 73 3.82 -31.59 -17.02
N LYS C 74 3.52 -32.88 -17.14
CA LYS C 74 2.89 -33.62 -16.05
C LYS C 74 3.81 -33.69 -14.84
N GLN C 75 5.10 -33.98 -15.05
CA GLN C 75 6.06 -34.11 -13.94
C GLN C 75 6.22 -32.83 -13.09
N GLN C 76 6.12 -31.68 -13.76
CA GLN C 76 6.16 -30.32 -13.16
C GLN C 76 4.87 -29.92 -12.40
N PHE C 77 3.74 -30.31 -12.96
CA PHE C 77 2.44 -30.11 -12.34
C PHE C 77 2.38 -30.98 -11.08
N ASP C 78 2.85 -32.21 -11.19
CA ASP C 78 2.83 -33.16 -10.08
C ASP C 78 3.84 -32.85 -8.97
N GLN C 79 4.96 -32.20 -9.33
CA GLN C 79 6.04 -31.90 -8.36
C GLN C 79 5.62 -30.73 -7.50
N GLU C 80 5.01 -29.73 -8.14
CA GLU C 80 4.36 -28.61 -7.47
C GLU C 80 3.42 -29.15 -6.39
N ILE C 81 2.65 -30.17 -6.76
CA ILE C 81 1.65 -30.74 -5.85
C ILE C 81 2.31 -31.43 -4.66
N LYS C 82 3.42 -32.12 -4.90
CA LYS C 82 4.23 -32.76 -3.84
C LYS C 82 4.83 -31.77 -2.82
N VAL C 83 5.24 -30.60 -3.32
CA VAL C 83 5.92 -29.63 -2.44
C VAL C 83 4.90 -28.96 -1.52
N MET C 84 3.77 -28.64 -2.12
CA MET C 84 2.68 -27.90 -1.53
C MET C 84 1.85 -28.75 -0.60
N ALA C 85 1.86 -30.06 -0.83
CA ALA C 85 1.28 -30.96 0.15
C ALA C 85 2.15 -30.96 1.39
N LYS C 86 3.46 -30.87 1.24
CA LYS C 86 4.33 -30.94 2.41
C LYS C 86 4.68 -29.63 3.11
N CYS C 87 4.62 -28.52 2.38
CA CYS C 87 5.06 -27.21 2.85
C CYS C 87 3.97 -26.18 2.83
N GLN C 88 3.55 -25.81 4.02
CA GLN C 88 2.63 -24.69 4.28
C GLN C 88 3.40 -23.72 5.16
N HIS C 89 3.42 -22.44 4.76
CA HIS C 89 4.14 -21.41 5.45
C HIS C 89 3.60 -20.06 4.87
N GLU C 90 3.59 -19.00 5.68
CA GLU C 90 3.03 -17.70 5.28
C GLU C 90 3.81 -17.03 4.14
N ASN C 91 5.06 -17.45 3.99
CA ASN C 91 5.92 -17.00 2.89
C ASN C 91 6.06 -17.94 1.71
N LEU C 92 5.08 -18.83 1.55
CA LEU C 92 4.87 -19.63 0.35
C LEU C 92 3.46 -19.39 -0.21
N VAL C 93 3.28 -19.48 -1.53
CA VAL C 93 1.88 -19.57 -2.04
C VAL C 93 1.13 -20.83 -1.48
N GLU C 94 -0.19 -20.74 -1.49
CA GLU C 94 -1.04 -21.78 -0.96
C GLU C 94 -1.86 -22.37 -2.09
N LEU C 95 -1.72 -23.68 -2.29
CA LEU C 95 -2.42 -24.44 -3.33
C LEU C 95 -3.82 -24.80 -2.79
N LEU C 96 -4.90 -24.36 -3.43
CA LEU C 96 -6.28 -24.77 -3.01
C LEU C 96 -6.70 -26.09 -3.64
N GLY C 97 -6.61 -26.14 -4.98
CA GLY C 97 -6.73 -27.40 -5.69
C GLY C 97 -6.21 -27.28 -7.12
N PHE C 98 -6.92 -27.93 -8.04
CA PHE C 98 -6.49 -28.06 -9.44
C PHE C 98 -7.58 -28.63 -10.36
N SER C 99 -7.30 -28.72 -11.66
CA SER C 99 -7.93 -29.74 -12.51
C SER C 99 -6.93 -30.38 -13.45
N SER C 100 -6.83 -31.70 -13.37
CA SER C 100 -6.18 -32.49 -14.40
C SER C 100 -7.22 -33.02 -15.43
N ASP C 101 -8.27 -32.22 -15.62
CA ASP C 101 -9.31 -32.47 -16.63
C ASP C 101 -9.59 -31.18 -17.43
N GLY C 102 -10.43 -31.31 -18.45
CA GLY C 102 -10.59 -30.30 -19.51
C GLY C 102 -9.27 -30.16 -20.26
N ASP C 103 -8.44 -31.20 -20.14
CA ASP C 103 -6.99 -31.13 -20.30
C ASP C 103 -6.31 -29.88 -20.86
N ASP C 104 -5.45 -29.34 -20.00
CA ASP C 104 -4.59 -28.19 -20.25
C ASP C 104 -3.67 -28.19 -19.02
N LEU C 105 -4.30 -28.53 -17.89
CA LEU C 105 -3.77 -28.56 -16.49
C LEU C 105 -3.84 -27.22 -15.81
N CYS C 106 -4.58 -27.21 -14.70
CA CYS C 106 -4.73 -26.04 -13.89
C CYS C 106 -4.33 -26.33 -12.43
N LEU C 107 -3.81 -25.30 -11.78
CA LEU C 107 -3.47 -25.34 -10.38
C LEU C 107 -4.15 -24.10 -9.86
N VAL C 108 -4.84 -24.28 -8.73
CA VAL C 108 -5.68 -23.22 -8.17
C VAL C 108 -5.07 -22.72 -6.83
N TYR C 109 -4.93 -21.44 -6.64
CA TYR C 109 -4.22 -21.00 -5.46
C TYR C 109 -5.05 -19.93 -4.85
N VAL C 110 -4.68 -19.54 -3.63
CA VAL C 110 -5.24 -18.34 -3.08
C VAL C 110 -4.60 -17.17 -3.83
N TYR C 111 -5.41 -16.20 -4.30
CA TYR C 111 -5.00 -15.02 -5.09
C TYR C 111 -4.06 -14.11 -4.35
N MET C 112 -2.98 -13.70 -5.03
CA MET C 112 -2.08 -12.66 -4.51
C MET C 112 -2.48 -11.38 -5.22
N PRO C 113 -3.14 -10.39 -4.51
CA PRO C 113 -3.57 -9.09 -5.10
C PRO C 113 -2.53 -8.24 -5.76
N ASN C 114 -1.35 -8.12 -5.14
CA ASN C 114 -0.25 -7.37 -5.65
C ASN C 114 0.75 -8.07 -6.62
N GLY C 115 0.40 -9.16 -7.24
CA GLY C 115 1.23 -9.73 -8.37
C GLY C 115 2.69 -9.97 -7.99
N SER C 116 3.60 -9.84 -8.94
CA SER C 116 5.01 -10.14 -8.63
C SER C 116 5.89 -9.04 -8.08
N LEU C 117 6.93 -9.48 -7.38
CA LEU C 117 7.94 -8.57 -6.97
C LEU C 117 8.57 -7.84 -8.19
N LEU C 118 8.66 -8.56 -9.32
CA LEU C 118 9.33 -8.04 -10.49
C LEU C 118 8.49 -6.85 -11.00
N ASP C 119 7.22 -7.10 -11.29
CA ASP C 119 6.27 -6.10 -11.70
C ASP C 119 6.04 -4.92 -10.74
N ARG C 120 6.16 -5.16 -9.45
CA ARG C 120 6.11 -4.10 -8.43
C ARG C 120 7.38 -3.28 -8.41
N LEU C 121 8.48 -3.95 -8.73
CA LEU C 121 9.70 -3.18 -8.90
C LEU C 121 9.68 -2.31 -10.19
N SER C 122 9.02 -2.76 -11.26
CA SER C 122 8.91 -1.99 -12.51
C SER C 122 7.74 -0.98 -12.53
N CYS C 123 6.91 -1.08 -11.48
CA CYS C 123 5.73 -0.27 -11.24
C CYS C 123 4.79 -0.45 -12.37
N LEU C 124 4.81 -1.66 -12.92
CA LEU C 124 3.93 -2.12 -13.99
C LEU C 124 2.47 -1.81 -13.71
N ASP C 125 1.76 -1.42 -14.78
CA ASP C 125 0.39 -0.89 -14.69
C ASP C 125 0.22 0.32 -13.82
N GLY C 126 1.33 1.00 -13.57
CA GLY C 126 1.33 2.21 -12.79
C GLY C 126 1.14 2.17 -11.30
N THR C 127 1.64 1.10 -10.63
CA THR C 127 1.55 0.99 -9.21
C THR C 127 2.59 1.88 -8.60
N PRO C 128 2.38 2.37 -7.36
CA PRO C 128 3.47 3.18 -6.81
C PRO C 128 4.79 2.47 -6.43
N PRO C 129 5.98 3.14 -6.61
CA PRO C 129 7.30 2.60 -6.13
C PRO C 129 7.25 2.10 -4.68
N LEU C 130 7.72 0.86 -4.45
CA LEU C 130 7.85 0.32 -3.11
C LEU C 130 8.82 1.14 -2.32
N SER C 131 8.43 1.51 -1.09
CA SER C 131 9.37 2.07 -0.14
C SER C 131 10.48 1.10 0.29
N TRP C 132 11.57 1.69 0.79
CA TRP C 132 12.68 1.00 1.37
C TRP C 132 12.21 0.14 2.53
N HIS C 133 11.35 0.69 3.40
CA HIS C 133 10.80 -0.07 4.52
C HIS C 133 10.02 -1.27 3.97
N MET C 134 9.13 -1.08 3.01
CA MET C 134 8.47 -2.24 2.40
C MET C 134 9.45 -3.24 1.74
N ARG C 135 10.45 -2.71 1.05
CA ARG C 135 11.45 -3.59 0.43
C ARG C 135 12.18 -4.45 1.47
N CYS C 136 12.53 -3.86 2.62
CA CYS C 136 13.17 -4.62 3.69
C CYS C 136 12.34 -5.79 4.20
N LYS C 137 11.04 -5.56 4.37
CA LYS C 137 10.08 -6.57 4.83
C LYS C 137 9.96 -7.70 3.82
N ILE C 138 9.94 -7.31 2.54
CA ILE C 138 9.80 -8.26 1.42
C ILE C 138 11.02 -9.18 1.29
N ALA C 139 12.22 -8.60 1.41
CA ALA C 139 13.48 -9.33 1.51
C ALA C 139 13.49 -10.31 2.69
N GLN C 140 13.03 -9.93 3.90
CA GLN C 140 12.98 -10.89 5.05
C GLN C 140 11.97 -12.01 4.80
N GLY C 141 10.81 -11.61 4.26
CA GLY C 141 9.72 -12.55 3.92
C GLY C 141 10.22 -13.59 2.99
N ALA C 142 10.87 -13.19 1.88
CA ALA C 142 11.41 -14.13 0.87
C ALA C 142 12.44 -15.17 1.41
N ALA C 143 13.37 -14.70 2.26
CA ALA C 143 14.39 -15.52 2.94
C ALA C 143 13.75 -16.49 3.90
N ASN C 144 12.77 -16.02 4.69
CA ASN C 144 11.97 -16.91 5.53
C ASN C 144 11.28 -18.03 4.73
N GLY C 145 10.77 -17.69 3.58
CA GLY C 145 10.19 -18.72 2.70
C GLY C 145 11.27 -19.65 2.12
N ILE C 146 12.40 -19.11 1.70
CA ILE C 146 13.51 -19.97 1.23
C ILE C 146 13.95 -20.90 2.39
N ASN C 147 14.13 -20.33 3.56
CA ASN C 147 14.58 -21.06 4.72
C ASN C 147 13.68 -22.28 5.00
N PHE C 148 12.34 -22.08 4.93
CA PHE C 148 11.37 -23.14 5.16
C PHE C 148 11.54 -24.28 4.18
N LEU C 149 11.63 -23.93 2.89
CA LEU C 149 11.93 -24.92 1.82
C LEU C 149 13.17 -25.73 2.11
N HIS C 150 14.26 -25.01 2.44
CA HIS C 150 15.56 -25.64 2.71
C HIS C 150 15.45 -26.49 3.98
N GLU C 151 14.73 -26.02 5.03
CA GLU C 151 14.46 -26.84 6.25
C GLU C 151 13.71 -28.15 5.91
N ASN C 152 12.81 -28.12 4.91
CA ASN C 152 12.18 -29.33 4.36
C ASN C 152 12.87 -30.02 3.13
N HIS C 153 14.16 -29.77 2.98
CA HIS C 153 15.04 -30.48 2.04
C HIS C 153 14.56 -30.38 0.63
N HIS C 154 14.26 -29.14 0.25
CA HIS C 154 13.92 -28.87 -1.11
C HIS C 154 14.84 -27.78 -1.59
N ILE C 155 15.37 -27.92 -2.80
CA ILE C 155 16.05 -26.83 -3.47
C ILE C 155 15.04 -26.35 -4.49
N HIS C 156 14.73 -25.04 -4.52
CA HIS C 156 13.77 -24.46 -5.48
C HIS C 156 14.21 -24.50 -6.97
N ARG C 157 15.43 -24.05 -7.20
CA ARG C 157 16.08 -24.07 -8.56
C ARG C 157 15.64 -22.93 -9.50
N ASP C 158 14.75 -22.09 -9.03
CA ASP C 158 14.40 -20.96 -9.89
C ASP C 158 13.90 -19.80 -9.09
N ILE C 159 14.71 -19.35 -8.11
CA ILE C 159 14.46 -18.26 -7.28
C ILE C 159 14.68 -17.00 -8.16
N LYS C 160 13.68 -16.09 -8.21
CA LYS C 160 13.77 -14.88 -9.12
C LYS C 160 12.61 -13.98 -8.72
N SER C 161 12.59 -12.72 -9.17
CA SER C 161 11.60 -11.81 -8.61
C SER C 161 10.20 -12.06 -9.17
N ALA C 162 10.11 -12.67 -10.34
CA ALA C 162 8.82 -13.14 -10.89
C ALA C 162 8.17 -14.25 -10.06
N ASN C 163 8.96 -14.92 -9.23
CA ASN C 163 8.51 -16.12 -8.48
C ASN C 163 8.39 -15.74 -7.02
N ILE C 164 8.44 -14.40 -6.72
CA ILE C 164 8.09 -13.83 -5.44
C ILE C 164 6.79 -13.03 -5.59
N LEU C 165 5.71 -13.60 -5.03
CA LEU C 165 4.38 -12.93 -5.19
C LEU C 165 4.06 -12.10 -3.97
N LEU C 166 3.13 -11.12 -4.09
CA LEU C 166 2.84 -10.14 -3.01
C LEU C 166 1.34 -10.15 -2.73
N ASP C 167 1.00 -10.24 -1.45
CA ASP C 167 -0.37 -10.12 -0.93
C ASP C 167 -0.78 -8.68 -0.74
N GLU C 168 -2.04 -8.49 -0.29
CA GLU C 168 -2.59 -7.17 0.06
C GLU C 168 -1.69 -6.41 1.00
N ALA C 169 -1.05 -7.09 1.96
CA ALA C 169 -0.14 -6.37 2.85
C ALA C 169 1.30 -6.40 2.35
N PHE C 170 1.48 -6.88 1.12
CA PHE C 170 2.80 -7.03 0.51
C PHE C 170 3.68 -8.02 1.32
N THR C 171 3.05 -9.04 1.89
CA THR C 171 3.78 -10.29 2.30
C THR C 171 4.27 -11.07 1.10
N ALA C 172 5.58 -11.25 1.03
CA ALA C 172 6.20 -11.95 -0.06
C ALA C 172 5.98 -13.43 0.10
N LYS C 173 5.50 -14.07 -0.96
CA LYS C 173 5.40 -15.50 -0.95
C LYS C 173 6.20 -16.16 -2.10
N ILE C 174 6.88 -17.27 -1.84
CA ILE C 174 7.60 -17.97 -2.93
C ILE C 174 6.59 -18.84 -3.72
N SER C 175 6.70 -18.88 -5.05
CA SER C 175 5.82 -19.65 -5.94
C SER C 175 6.67 -20.41 -6.96
N ASP C 176 5.97 -21.11 -7.83
CA ASP C 176 6.47 -21.97 -8.90
C ASP C 176 7.46 -23.05 -8.42
N PHE C 177 6.95 -24.17 -7.89
CA PHE C 177 7.80 -25.30 -7.40
C PHE C 177 7.90 -26.42 -8.41
N GLY C 178 7.61 -26.08 -9.67
CA GLY C 178 7.72 -27.01 -10.82
C GLY C 178 8.96 -27.89 -10.90
N LEU C 179 10.12 -27.28 -10.69
CA LEU C 179 11.44 -27.88 -10.88
C LEU C 179 12.12 -28.15 -9.57
N ALA C 180 11.39 -27.97 -8.47
CA ALA C 180 11.97 -28.13 -7.14
C ALA C 180 12.57 -29.54 -6.98
N ARG C 181 13.63 -29.67 -6.16
CA ARG C 181 14.29 -30.97 -5.92
C ARG C 181 14.55 -31.29 -4.46
N ALA C 182 14.41 -32.56 -4.09
CA ALA C 182 14.88 -32.98 -2.78
C ALA C 182 16.42 -32.84 -2.70
N SER C 183 16.90 -32.33 -1.56
CA SER C 183 18.33 -32.26 -1.31
C SER C 183 18.67 -33.31 -0.27
N GLU C 184 19.96 -33.65 -0.15
CA GLU C 184 20.40 -34.40 1.01
C GLU C 184 21.71 -33.94 1.66
N LYS C 185 21.66 -33.82 2.99
CA LYS C 185 22.80 -33.57 3.91
C LYS C 185 24.05 -32.84 3.36
N PHE C 186 25.24 -33.43 3.57
CA PHE C 186 26.50 -32.92 3.00
C PHE C 186 27.00 -33.97 1.96
N ALA C 187 26.03 -34.71 1.41
CA ALA C 187 26.22 -35.55 0.23
C ALA C 187 26.97 -34.73 -0.81
N GLN C 188 26.31 -33.65 -1.23
CA GLN C 188 26.87 -32.64 -2.15
C GLN C 188 27.36 -33.24 -3.48
N THR C 189 27.75 -32.34 -4.39
CA THR C 189 28.20 -32.72 -5.74
C THR C 189 27.25 -33.79 -6.31
N VAL C 190 25.97 -33.40 -6.33
CA VAL C 190 24.89 -34.09 -7.03
C VAL C 190 24.72 -33.38 -8.37
N MET C 191 24.79 -34.13 -9.45
CA MET C 191 24.90 -33.53 -10.77
C MET C 191 23.73 -33.84 -11.73
N TPO C 192 23.31 -32.80 -12.45
CA TPO C 192 22.32 -32.72 -13.57
CB TPO C 192 20.76 -32.69 -13.42
CG2 TPO C 192 20.44 -31.27 -12.97
OG1 TPO C 192 19.90 -33.72 -12.90
P TPO C 192 18.78 -34.18 -13.84
O1P TPO C 192 18.69 -33.25 -15.02
O2P TPO C 192 17.42 -34.23 -13.22
O3P TPO C 192 19.09 -35.51 -14.45
C TPO C 192 22.77 -33.03 -14.98
O TPO C 192 23.82 -32.59 -15.37
N SEP C 193 21.90 -33.66 -15.77
CA SEP C 193 22.05 -33.63 -17.24
CB SEP C 193 22.11 -35.04 -17.85
OG SEP C 193 21.71 -36.09 -16.97
C SEP C 193 21.01 -32.76 -17.97
O SEP C 193 21.15 -32.49 -19.16
P SEP C 193 20.98 -37.29 -17.78
O1P SEP C 193 21.50 -38.68 -17.14
O2P SEP C 193 19.38 -37.15 -17.61
O3P SEP C 193 21.32 -37.26 -19.37
N ARG C 194 19.98 -32.32 -17.25
CA ARG C 194 19.05 -31.31 -17.78
C ARG C 194 19.17 -30.01 -16.97
N ILE C 195 19.98 -29.09 -17.49
CA ILE C 195 20.20 -27.76 -16.87
C ILE C 195 18.92 -26.93 -16.87
N VAL C 196 18.43 -26.63 -15.66
CA VAL C 196 17.23 -25.80 -15.46
C VAL C 196 17.50 -24.53 -14.66
N GLY C 197 16.72 -23.48 -14.95
CA GLY C 197 16.81 -22.25 -14.18
C GLY C 197 16.70 -21.03 -15.07
N THR C 198 16.94 -19.86 -14.51
CA THR C 198 16.86 -18.63 -15.35
C THR C 198 18.26 -18.06 -15.32
N THR C 199 18.88 -17.99 -16.50
CA THR C 199 20.30 -17.64 -16.61
C THR C 199 20.79 -16.42 -15.85
N ALA C 200 20.12 -15.26 -15.99
CA ALA C 200 20.49 -14.05 -15.21
C ALA C 200 20.55 -14.21 -13.65
N TYR C 201 20.02 -15.30 -13.12
CA TYR C 201 20.04 -15.49 -11.67
C TYR C 201 20.88 -16.69 -11.27
N MET C 202 21.49 -17.39 -12.23
CA MET C 202 22.08 -18.74 -11.90
C MET C 202 23.51 -18.69 -11.43
N ALA C 203 23.76 -19.44 -10.35
CA ALA C 203 25.08 -19.64 -9.78
C ALA C 203 25.96 -20.26 -10.84
N PRO C 204 27.28 -20.08 -10.71
CA PRO C 204 28.18 -20.70 -11.69
C PRO C 204 28.10 -22.23 -11.62
N GLU C 205 28.17 -22.84 -10.43
CA GLU C 205 28.01 -24.31 -10.32
C GLU C 205 26.67 -24.86 -10.84
N ALA C 206 25.61 -24.05 -10.93
CA ALA C 206 24.31 -24.52 -11.41
C ALA C 206 24.23 -24.48 -12.92
N LEU C 207 24.95 -23.51 -13.48
CA LEU C 207 25.11 -23.34 -14.91
C LEU C 207 25.97 -24.46 -15.54
N ARG C 208 26.67 -25.19 -14.68
CA ARG C 208 27.51 -26.36 -15.06
C ARG C 208 26.80 -27.67 -14.75
N GLY C 209 25.74 -27.62 -13.92
CA GLY C 209 24.83 -28.75 -13.76
C GLY C 209 24.77 -29.30 -12.36
N GLU C 210 25.51 -28.74 -11.44
CA GLU C 210 25.41 -29.09 -10.02
C GLU C 210 24.03 -28.69 -9.42
N ILE C 211 23.56 -29.49 -8.46
CA ILE C 211 22.30 -29.25 -7.80
C ILE C 211 22.55 -29.11 -6.32
N THR C 212 22.31 -27.92 -5.77
CA THR C 212 22.66 -27.66 -4.38
C THR C 212 21.88 -26.45 -3.89
N PRO C 213 21.49 -26.45 -2.58
CA PRO C 213 20.81 -25.32 -1.97
C PRO C 213 21.63 -24.09 -2.01
N LYS C 214 22.98 -24.23 -2.06
CA LYS C 214 23.85 -23.06 -2.17
C LYS C 214 23.60 -22.20 -3.41
N SER C 215 23.00 -22.81 -4.45
CA SER C 215 22.67 -22.10 -5.67
C SER C 215 21.41 -21.22 -5.54
N ASP C 216 20.42 -21.69 -4.77
CA ASP C 216 19.33 -20.87 -4.26
C ASP C 216 19.79 -19.61 -3.55
N ILE C 217 20.81 -19.73 -2.69
CA ILE C 217 21.39 -18.58 -2.03
C ILE C 217 21.95 -17.55 -3.00
N TYR C 218 22.78 -18.00 -3.95
CA TYR C 218 23.22 -17.11 -5.07
C TYR C 218 22.11 -16.37 -5.83
N SER C 219 21.11 -17.11 -6.29
CA SER C 219 19.96 -16.49 -6.97
C SER C 219 19.20 -15.43 -6.12
N PHE C 220 19.05 -15.72 -4.84
CA PHE C 220 18.53 -14.74 -3.84
C PHE C 220 19.35 -13.46 -3.77
N GLY C 221 20.68 -13.56 -3.99
CA GLY C 221 21.50 -12.36 -3.94
C GLY C 221 21.21 -11.46 -5.12
N VAL C 222 20.94 -12.09 -6.26
CA VAL C 222 20.55 -11.33 -7.38
C VAL C 222 19.18 -10.65 -7.12
N VAL C 223 18.23 -11.36 -6.51
CA VAL C 223 16.92 -10.76 -6.11
C VAL C 223 17.20 -9.59 -5.22
N LEU C 224 18.16 -9.70 -4.30
CA LEU C 224 18.42 -8.55 -3.43
C LEU C 224 18.89 -7.37 -4.29
N LEU C 225 19.67 -7.62 -5.34
CA LEU C 225 20.16 -6.45 -6.11
C LEU C 225 19.04 -5.81 -6.86
N GLU C 226 18.05 -6.61 -7.25
CA GLU C 226 16.91 -6.01 -7.93
C GLU C 226 16.11 -5.14 -6.96
N ILE C 227 16.00 -5.61 -5.71
CA ILE C 227 15.40 -4.83 -4.63
C ILE C 227 16.08 -3.49 -4.33
N ILE C 228 17.41 -3.54 -4.15
CA ILE C 228 18.21 -2.31 -3.95
C ILE C 228 18.11 -1.29 -5.10
N THR C 229 18.06 -1.79 -6.33
CA THR C 229 18.37 -0.96 -7.46
C THR C 229 17.14 -0.71 -8.27
N GLY C 230 16.11 -1.53 -8.11
CA GLY C 230 14.91 -1.40 -8.93
C GLY C 230 15.06 -1.84 -10.38
N LEU C 231 16.22 -2.43 -10.68
CA LEU C 231 16.57 -2.89 -12.05
C LEU C 231 16.31 -4.40 -12.25
N PRO C 232 15.82 -4.79 -13.41
CA PRO C 232 15.64 -6.19 -13.67
C PRO C 232 17.01 -6.94 -13.81
N ALA C 233 17.08 -8.20 -13.37
CA ALA C 233 18.33 -9.01 -13.50
C ALA C 233 18.94 -9.04 -14.90
N VAL C 234 18.13 -9.09 -15.93
CA VAL C 234 18.66 -8.88 -17.28
C VAL C 234 17.82 -7.76 -17.95
N ASP C 235 18.49 -6.94 -18.79
CA ASP C 235 17.85 -5.93 -19.66
C ASP C 235 18.81 -5.77 -20.86
N GLU C 236 18.28 -6.25 -21.98
CA GLU C 236 18.95 -6.41 -23.24
C GLU C 236 19.22 -5.08 -23.95
N HIS C 237 18.70 -3.97 -23.41
CA HIS C 237 18.96 -2.64 -24.01
C HIS C 237 19.67 -1.83 -22.96
N ARG C 238 20.31 -2.53 -22.03
CA ARG C 238 21.07 -1.87 -20.98
C ARG C 238 22.54 -2.31 -20.96
N GLU C 239 23.41 -1.47 -20.37
CA GLU C 239 24.83 -1.77 -20.16
C GLU C 239 25.19 -1.54 -18.71
N PRO C 240 25.61 -2.61 -17.97
CA PRO C 240 25.75 -4.05 -18.32
C PRO C 240 24.38 -4.72 -18.50
N GLN C 241 24.31 -5.81 -19.29
CA GLN C 241 23.01 -6.38 -19.59
C GLN C 241 22.51 -7.09 -18.34
N LEU C 242 23.49 -7.60 -17.56
CA LEU C 242 23.26 -8.45 -16.41
C LEU C 242 23.58 -7.66 -15.18
N LEU C 243 22.64 -7.66 -14.22
CA LEU C 243 22.76 -6.90 -12.97
C LEU C 243 23.91 -7.38 -12.14
N LEU C 244 24.17 -8.71 -12.25
CA LEU C 244 25.36 -9.40 -11.67
C LEU C 244 26.68 -8.67 -11.80
N ASP C 245 26.92 -8.17 -13.00
CA ASP C 245 28.09 -7.38 -13.35
C ASP C 245 28.29 -6.14 -12.50
N ILE C 246 27.23 -5.67 -11.85
CA ILE C 246 27.30 -4.49 -11.03
C ILE C 246 28.19 -4.67 -9.82
N LYS C 247 28.10 -5.83 -9.18
CA LYS C 247 28.91 -6.16 -8.00
C LYS C 247 30.42 -6.00 -8.32
N GLU C 248 30.81 -6.36 -9.55
CA GLU C 248 32.21 -6.27 -10.00
C GLU C 248 32.68 -4.83 -10.13
N GLU C 249 31.88 -4.01 -10.84
CA GLU C 249 32.12 -2.56 -10.93
C GLU C 249 32.23 -1.88 -9.61
N ILE C 250 31.29 -2.15 -8.70
CA ILE C 250 31.35 -1.64 -7.35
C ILE C 250 32.58 -2.17 -6.62
N GLU C 251 32.84 -3.47 -6.76
CA GLU C 251 33.95 -4.14 -6.09
C GLU C 251 35.29 -3.69 -6.69
N ASP C 252 35.34 -3.52 -8.01
CA ASP C 252 36.51 -2.94 -8.69
C ASP C 252 36.49 -1.41 -8.75
N GLU C 253 35.50 -0.80 -8.12
CA GLU C 253 35.49 0.64 -7.80
C GLU C 253 35.25 1.62 -8.96
N GLU C 254 34.68 1.13 -10.06
CA GLU C 254 34.26 2.01 -11.16
C GLU C 254 32.99 2.73 -10.78
N LYS C 255 32.23 2.10 -9.91
CA LYS C 255 30.92 2.60 -9.57
C LYS C 255 30.68 2.37 -8.10
N THR C 256 29.76 3.13 -7.54
CA THR C 256 29.37 2.92 -6.15
C THR C 256 27.99 2.26 -6.04
N ILE C 257 27.73 1.69 -4.87
CA ILE C 257 26.37 1.37 -4.47
C ILE C 257 25.43 2.62 -4.59
N GLU C 258 25.80 3.76 -4.01
CA GLU C 258 24.98 4.98 -4.20
C GLU C 258 24.68 5.27 -5.67
N ASP C 259 25.60 4.96 -6.56
CA ASP C 259 25.39 5.11 -8.01
C ASP C 259 24.17 4.32 -8.50
N TYR C 260 23.90 3.19 -7.84
CA TYR C 260 22.90 2.21 -8.30
C TYR C 260 21.58 2.15 -7.46
N ILE C 261 21.57 2.64 -6.24
CA ILE C 261 20.33 2.58 -5.42
C ILE C 261 19.13 3.13 -6.19
N ASP C 262 18.00 2.46 -6.08
CA ASP C 262 16.80 2.91 -6.86
C ASP C 262 16.48 4.38 -6.47
N LYS C 263 16.43 5.27 -7.47
CA LYS C 263 16.08 6.67 -7.23
C LYS C 263 14.59 6.91 -6.97
N LYS C 264 13.74 5.92 -7.28
CA LYS C 264 12.30 5.89 -6.93
C LYS C 264 11.90 5.58 -5.48
N MET C 265 12.71 6.00 -4.52
CA MET C 265 12.29 6.00 -3.15
C MET C 265 13.00 7.10 -2.42
N ASN C 266 12.40 7.56 -1.34
CA ASN C 266 13.14 8.60 -0.62
C ASN C 266 13.40 8.32 0.84
N ASP C 267 13.17 7.07 1.24
CA ASP C 267 13.34 6.63 2.63
C ASP C 267 14.46 5.64 2.77
N ALA C 268 15.46 5.73 1.90
CA ALA C 268 16.49 4.72 1.85
C ALA C 268 17.75 5.19 2.58
N ASP C 269 17.78 5.06 3.89
CA ASP C 269 18.96 5.49 4.60
C ASP C 269 20.15 4.64 4.18
N SER C 270 21.33 5.26 4.16
CA SER C 270 22.51 4.65 3.56
C SER C 270 23.11 3.46 4.34
N THR C 271 22.98 3.45 5.67
CA THR C 271 23.41 2.31 6.51
C THR C 271 22.71 1.00 6.12
N SER C 272 21.37 0.94 6.19
CA SER C 272 20.62 -0.30 5.82
C SER C 272 20.76 -0.72 4.36
N VAL C 273 20.82 0.24 3.45
CA VAL C 273 21.09 -0.10 2.04
C VAL C 273 22.43 -0.79 1.92
N GLU C 274 23.44 -0.22 2.55
CA GLU C 274 24.76 -0.83 2.60
C GLU C 274 24.70 -2.20 3.24
N ALA C 275 23.89 -2.33 4.28
CA ALA C 275 23.63 -3.64 4.91
C ALA C 275 22.91 -4.62 3.98
N MET C 276 21.95 -4.17 3.18
CA MET C 276 21.33 -5.14 2.26
C MET C 276 22.33 -5.56 1.16
N TYR C 277 23.10 -4.58 0.65
CA TYR C 277 24.11 -4.88 -0.35
C TYR C 277 25.17 -5.88 0.09
N SER C 278 25.57 -5.78 1.34
CA SER C 278 26.61 -6.65 1.90
C SER C 278 26.10 -8.08 2.00
N VAL C 279 24.79 -8.21 2.14
CA VAL C 279 24.19 -9.54 2.21
C VAL C 279 24.18 -10.10 0.78
N ALA C 280 23.80 -9.26 -0.19
CA ALA C 280 23.70 -9.66 -1.60
C ALA C 280 25.07 -10.13 -2.03
N SER C 281 26.07 -9.34 -1.62
CA SER C 281 27.48 -9.55 -1.92
C SER C 281 27.98 -10.92 -1.42
N GLN C 282 27.64 -11.27 -0.18
CA GLN C 282 27.94 -12.60 0.39
C GLN C 282 27.25 -13.75 -0.32
N CYS C 283 25.96 -13.59 -0.63
CA CYS C 283 25.23 -14.60 -1.39
C CYS C 283 25.84 -14.86 -2.77
N LEU C 284 26.49 -13.81 -3.30
CA LEU C 284 26.97 -13.84 -4.67
C LEU C 284 28.40 -14.32 -4.78
N HIS C 285 29.01 -14.76 -3.68
CA HIS C 285 30.29 -15.40 -3.91
C HIS C 285 30.31 -16.44 -5.02
N GLU C 286 31.35 -16.36 -5.84
CA GLU C 286 31.53 -17.36 -6.90
C GLU C 286 31.74 -18.75 -6.30
N LYS C 287 32.48 -18.83 -5.21
CA LYS C 287 32.69 -20.10 -4.53
C LYS C 287 31.53 -20.46 -3.62
N LYS C 288 30.74 -21.46 -4.03
CA LYS C 288 29.50 -21.86 -3.28
C LYS C 288 29.73 -22.08 -1.82
N ASN C 289 30.89 -22.64 -1.48
CA ASN C 289 31.16 -22.93 -0.06
C ASN C 289 31.53 -21.70 0.77
N LYS C 290 31.74 -20.57 0.12
CA LYS C 290 31.96 -19.37 0.93
C LYS C 290 30.67 -18.55 1.10
N ARG C 291 29.56 -19.01 0.50
CA ARG C 291 28.28 -18.32 0.70
C ARG C 291 27.70 -18.65 2.06
N PRO C 292 26.93 -17.69 2.65
CA PRO C 292 26.20 -18.01 3.85
C PRO C 292 25.07 -18.94 3.47
N ASP C 293 24.65 -19.78 4.40
CA ASP C 293 23.43 -20.55 4.21
C ASP C 293 22.20 -19.68 4.58
N ILE C 294 20.99 -20.11 4.18
CA ILE C 294 19.82 -19.27 4.30
C ILE C 294 19.56 -18.91 5.76
N LYS C 295 19.88 -19.81 6.69
CA LYS C 295 19.77 -19.42 8.07
C LYS C 295 20.57 -18.15 8.36
N LYS C 296 21.77 -18.04 7.80
CA LYS C 296 22.65 -16.88 8.07
C LYS C 296 22.13 -15.65 7.32
N VAL C 297 21.62 -15.89 6.11
CA VAL C 297 20.96 -14.83 5.31
C VAL C 297 19.79 -14.18 6.10
N GLN C 298 18.98 -15.02 6.71
CA GLN C 298 17.82 -14.63 7.45
C GLN C 298 18.27 -13.80 8.69
N GLN C 299 19.24 -14.30 9.45
CA GLN C 299 19.88 -13.53 10.55
C GLN C 299 20.36 -12.12 10.12
N LEU C 300 21.22 -12.05 9.12
CA LEU C 300 21.74 -10.76 8.66
C LEU C 300 20.67 -9.77 8.22
N LEU C 301 19.62 -10.24 7.55
CA LEU C 301 18.48 -9.37 7.17
C LEU C 301 17.71 -8.87 8.43
N GLN C 302 17.67 -9.70 9.46
CA GLN C 302 17.12 -9.31 10.75
C GLN C 302 17.93 -8.22 11.46
N GLU C 303 19.25 -8.40 11.53
CA GLU C 303 20.12 -7.41 12.16
C GLU C 303 20.09 -6.08 11.38
N MET C 304 19.95 -6.19 10.06
CA MET C 304 19.89 -5.05 9.18
C MET C 304 18.81 -4.07 9.60
N THR C 305 17.72 -4.60 10.14
CA THR C 305 16.48 -3.82 10.37
C THR C 305 16.31 -3.44 11.83
N ARG D 11 -16.58 21.90 -20.01
CA ARG D 11 -15.14 21.47 -20.10
C ARG D 11 -14.97 19.99 -19.71
N PHE D 12 -16.09 19.33 -19.47
CA PHE D 12 -16.08 17.90 -19.11
C PHE D 12 -16.79 17.11 -20.22
N HIS D 13 -16.80 15.79 -20.09
CA HIS D 13 -17.42 14.95 -21.11
C HIS D 13 -18.88 14.47 -20.83
N SER D 14 -19.80 15.06 -21.58
CA SER D 14 -21.24 14.76 -21.55
C SER D 14 -21.57 13.37 -22.07
N PHE D 15 -21.71 12.39 -21.20
CA PHE D 15 -22.11 11.07 -21.67
C PHE D 15 -23.64 11.01 -21.91
N SER D 16 -24.03 10.25 -22.92
CA SER D 16 -25.36 9.73 -22.98
C SER D 16 -25.40 8.60 -21.97
N PHE D 17 -26.57 8.42 -21.38
CA PHE D 17 -26.76 7.47 -20.28
C PHE D 17 -26.31 6.03 -20.59
N TYR D 18 -26.89 5.40 -21.63
CA TYR D 18 -26.48 4.05 -22.09
C TYR D 18 -24.93 3.77 -21.94
N GLU D 19 -24.13 4.61 -22.61
CA GLU D 19 -22.67 4.66 -22.44
C GLU D 19 -22.30 4.24 -21.04
N LEU D 20 -23.04 4.80 -20.04
CA LEU D 20 -22.77 4.55 -18.63
C LEU D 20 -23.28 3.22 -18.03
N LYS D 21 -24.54 2.89 -18.33
CA LYS D 21 -25.10 1.51 -18.23
C LYS D 21 -24.23 0.43 -18.88
N ASN D 22 -23.81 0.63 -20.14
CA ASN D 22 -22.96 -0.41 -20.81
C ASN D 22 -21.56 -0.68 -20.18
N VAL D 23 -20.89 0.36 -19.65
CA VAL D 23 -19.51 0.23 -19.08
C VAL D 23 -19.43 -0.23 -17.59
N THR D 24 -20.55 -0.16 -16.86
CA THR D 24 -20.64 -0.57 -15.46
C THR D 24 -21.36 -1.89 -15.27
N ASN D 25 -21.58 -2.60 -16.38
CA ASN D 25 -22.35 -3.87 -16.43
C ASN D 25 -23.83 -3.69 -16.06
N ASN D 26 -24.49 -2.88 -16.88
CA ASN D 26 -25.75 -2.21 -16.55
C ASN D 26 -25.85 -1.98 -15.05
N PHE D 27 -25.18 -0.93 -14.58
CA PHE D 27 -25.08 -0.62 -13.14
C PHE D 27 -25.26 -1.86 -12.25
N ASP D 28 -24.30 -2.77 -12.39
CA ASP D 28 -24.35 -4.13 -11.80
C ASP D 28 -24.19 -3.96 -10.31
N GLU D 29 -25.26 -4.24 -9.58
CA GLU D 29 -25.27 -3.99 -8.15
C GLU D 29 -24.46 -4.92 -7.22
N ARG D 30 -23.82 -5.91 -7.82
CA ARG D 30 -22.93 -6.81 -7.06
C ARG D 30 -21.64 -6.06 -6.60
N PRO D 31 -21.19 -6.35 -5.36
CA PRO D 31 -19.97 -5.81 -4.77
C PRO D 31 -18.74 -6.13 -5.62
N ILE D 32 -17.82 -5.16 -5.64
CA ILE D 32 -16.53 -5.28 -6.33
C ILE D 32 -15.67 -6.36 -5.67
N SER D 33 -15.77 -6.46 -4.35
CA SER D 33 -15.10 -7.55 -3.60
C SER D 33 -15.25 -8.96 -4.22
N VAL D 34 -16.34 -9.17 -4.95
CA VAL D 34 -16.70 -10.52 -5.43
C VAL D 34 -16.95 -10.52 -6.94
N GLY D 35 -16.57 -9.43 -7.61
CA GLY D 35 -16.45 -9.45 -9.05
C GLY D 35 -17.43 -8.51 -9.69
N GLY D 36 -18.30 -7.95 -8.86
CA GLY D 36 -19.32 -7.04 -9.31
C GLY D 36 -18.80 -5.68 -9.71
N ASN D 37 -19.73 -4.71 -9.70
CA ASN D 37 -19.45 -3.34 -10.13
C ASN D 37 -19.71 -2.27 -9.06
N LYS D 38 -20.49 -2.62 -8.03
CA LYS D 38 -20.87 -1.63 -7.02
C LYS D 38 -19.81 -1.47 -5.92
N MET D 39 -19.47 -0.20 -5.65
CA MET D 39 -18.49 0.18 -4.65
C MET D 39 -19.11 1.10 -3.61
N GLY D 40 -20.01 2.00 -4.02
CA GLY D 40 -20.42 3.11 -3.12
C GLY D 40 -21.89 3.41 -2.92
N GLU D 41 -22.25 3.80 -1.68
CA GLU D 41 -23.65 3.77 -1.19
C GLU D 41 -24.15 4.92 -0.26
N GLY D 42 -25.46 5.14 -0.26
CA GLY D 42 -26.10 5.98 0.77
C GLY D 42 -26.39 7.43 0.44
N GLY D 43 -27.66 7.81 0.59
CA GLY D 43 -28.14 9.18 0.34
C GLY D 43 -28.02 9.48 -1.13
N PHE D 44 -27.56 10.70 -1.43
CA PHE D 44 -27.16 11.17 -2.76
C PHE D 44 -27.40 10.23 -3.97
N GLY D 45 -26.78 9.05 -3.94
CA GLY D 45 -26.84 8.05 -4.99
C GLY D 45 -25.97 6.83 -4.67
N VAL D 46 -25.58 6.11 -5.72
CA VAL D 46 -24.78 4.89 -5.58
C VAL D 46 -23.60 5.03 -6.59
N VAL D 47 -22.51 4.32 -6.29
CA VAL D 47 -21.26 4.45 -7.06
C VAL D 47 -20.68 3.09 -7.57
N TYR D 48 -20.48 3.07 -8.89
CA TYR D 48 -20.01 1.88 -9.65
C TYR D 48 -18.80 2.08 -10.54
N LYS D 49 -17.84 1.15 -10.39
CA LYS D 49 -16.65 1.01 -11.22
C LYS D 49 -17.06 0.81 -12.68
N GLY D 50 -16.23 1.30 -13.59
CA GLY D 50 -16.35 0.94 -14.98
C GLY D 50 -15.01 1.12 -15.69
N TYR D 51 -14.94 0.74 -16.96
CA TYR D 51 -13.82 1.20 -17.75
C TYR D 51 -14.35 1.84 -19.00
N VAL D 52 -13.97 3.09 -19.21
CA VAL D 52 -14.12 3.80 -20.49
C VAL D 52 -12.76 4.09 -21.18
N ASN D 53 -12.54 3.45 -22.34
CA ASN D 53 -11.43 3.81 -23.21
C ASN D 53 -10.19 3.52 -22.43
N ASN D 54 -10.17 2.38 -21.73
CA ASN D 54 -9.07 1.99 -20.89
C ASN D 54 -8.88 2.78 -19.57
N THR D 55 -9.53 3.93 -19.43
CA THR D 55 -9.57 4.67 -18.15
C THR D 55 -10.58 4.13 -17.14
N THR D 56 -10.11 3.46 -16.08
CA THR D 56 -11.00 2.96 -15.02
C THR D 56 -11.69 4.15 -14.34
N VAL D 57 -12.99 4.04 -14.13
CA VAL D 57 -13.72 5.21 -13.63
C VAL D 57 -14.68 4.87 -12.50
N ALA D 58 -15.07 5.93 -11.79
CA ALA D 58 -16.13 5.86 -10.78
C ALA D 58 -17.34 6.58 -11.34
N VAL D 59 -18.47 5.86 -11.32
CA VAL D 59 -19.75 6.34 -11.84
C VAL D 59 -20.82 6.41 -10.74
N LYS D 60 -21.20 7.67 -10.50
CA LYS D 60 -22.11 8.04 -9.39
C LYS D 60 -23.52 8.34 -9.91
N LYS D 61 -24.39 7.39 -9.57
CA LYS D 61 -25.76 7.38 -9.97
C LYS D 61 -26.56 8.09 -8.88
N LEU D 62 -27.12 9.25 -9.24
CA LEU D 62 -27.87 10.03 -8.28
C LEU D 62 -29.30 9.49 -8.20
N ALA D 63 -29.64 8.97 -7.01
CA ALA D 63 -31.03 8.59 -6.67
C ALA D 63 -31.77 9.72 -5.92
N ALA D 64 -33.05 9.89 -6.25
CA ALA D 64 -33.99 10.70 -5.45
C ALA D 64 -34.55 9.78 -4.37
N MET D 65 -34.71 10.32 -3.16
CA MET D 65 -34.93 9.50 -1.96
C MET D 65 -36.21 9.83 -1.15
N VAL D 66 -36.21 11.03 -0.55
CA VAL D 66 -37.29 11.72 0.17
C VAL D 66 -36.48 12.87 0.73
N ASP D 67 -37.06 14.08 0.74
CA ASP D 67 -36.27 15.32 0.66
C ASP D 67 -35.91 15.47 -0.81
N ILE D 68 -35.57 16.69 -1.22
CA ILE D 68 -35.18 17.01 -2.61
C ILE D 68 -36.26 16.72 -3.67
N THR D 69 -36.68 17.76 -4.39
CA THR D 69 -37.63 17.63 -5.49
C THR D 69 -36.92 17.05 -6.72
N THR D 70 -37.24 17.58 -7.91
CA THR D 70 -36.25 17.64 -8.96
C THR D 70 -35.35 18.76 -8.44
N GLU D 71 -35.30 19.92 -9.13
CA GLU D 71 -34.31 20.97 -8.77
C GLU D 71 -33.34 20.48 -7.68
N GLU D 72 -33.68 20.71 -6.41
CA GLU D 72 -32.95 20.16 -5.26
C GLU D 72 -31.86 19.10 -5.58
N LEU D 73 -32.27 17.96 -6.15
CA LEU D 73 -31.32 16.92 -6.58
C LEU D 73 -30.58 17.34 -7.84
N LYS D 74 -31.28 17.94 -8.80
CA LYS D 74 -30.60 18.55 -9.94
C LYS D 74 -29.61 19.59 -9.42
N GLN D 75 -30.03 20.36 -8.42
CA GLN D 75 -29.25 21.46 -7.84
C GLN D 75 -27.93 21.01 -7.17
N GLN D 76 -27.92 19.83 -6.56
CA GLN D 76 -26.69 19.20 -6.03
C GLN D 76 -25.76 18.70 -7.16
N PHE D 77 -26.39 18.14 -8.21
CA PHE D 77 -25.69 17.69 -9.40
C PHE D 77 -25.01 18.89 -10.04
N ASP D 78 -25.76 19.99 -10.24
CA ASP D 78 -25.19 21.19 -10.89
C ASP D 78 -24.15 21.92 -10.08
N GLN D 79 -24.22 21.79 -8.76
CA GLN D 79 -23.34 22.52 -7.86
C GLN D 79 -21.98 21.87 -7.94
N GLU D 80 -22.00 20.54 -8.04
CA GLU D 80 -20.79 19.76 -8.12
C GLU D 80 -20.01 20.12 -9.38
N ILE D 81 -20.72 20.05 -10.51
CA ILE D 81 -20.14 20.41 -11.80
C ILE D 81 -19.54 21.81 -11.77
N LYS D 82 -20.20 22.74 -11.08
CA LYS D 82 -19.73 24.13 -10.97
C LYS D 82 -18.46 24.37 -10.13
N VAL D 83 -18.37 23.71 -8.96
CA VAL D 83 -17.19 23.79 -8.09
C VAL D 83 -16.00 23.08 -8.76
N MET D 84 -16.31 21.98 -9.43
CA MET D 84 -15.35 21.11 -10.10
C MET D 84 -14.74 21.80 -11.31
N ALA D 85 -15.57 22.61 -12.01
CA ALA D 85 -15.05 23.47 -13.06
C ALA D 85 -14.03 24.47 -12.51
N LYS D 86 -14.37 25.11 -11.39
CA LYS D 86 -13.50 26.13 -10.81
C LYS D 86 -12.25 25.70 -10.04
N CYS D 87 -12.21 24.45 -9.60
CA CYS D 87 -11.29 23.97 -8.57
C CYS D 87 -10.65 22.65 -8.98
N GLN D 88 -9.36 22.70 -9.31
CA GLN D 88 -8.54 21.52 -9.60
C GLN D 88 -7.37 21.57 -8.71
N HIS D 89 -7.08 20.49 -7.97
CA HIS D 89 -5.97 20.44 -7.08
C HIS D 89 -5.77 18.92 -6.83
N GLU D 90 -4.55 18.52 -6.57
CA GLU D 90 -4.18 17.15 -6.22
C GLU D 90 -4.99 16.54 -5.07
N ASN D 91 -5.47 17.40 -4.15
CA ASN D 91 -6.28 16.92 -3.02
C ASN D 91 -7.74 17.08 -3.18
N LEU D 92 -8.22 17.12 -4.42
CA LEU D 92 -9.65 17.18 -4.75
C LEU D 92 -9.90 16.17 -5.82
N VAL D 93 -11.07 15.48 -5.75
CA VAL D 93 -11.41 14.55 -6.85
C VAL D 93 -11.56 15.33 -8.14
N GLU D 94 -11.38 14.62 -9.27
CA GLU D 94 -11.42 15.20 -10.58
C GLU D 94 -12.67 14.71 -11.38
N LEU D 95 -13.47 15.65 -11.86
CA LEU D 95 -14.65 15.31 -12.64
C LEU D 95 -14.20 15.11 -14.11
N LEU D 96 -14.36 13.91 -14.62
CA LEU D 96 -14.10 13.63 -16.05
C LEU D 96 -15.31 13.95 -16.90
N GLY D 97 -16.51 13.72 -16.35
CA GLY D 97 -17.72 13.75 -17.13
C GLY D 97 -19.02 13.49 -16.38
N PHE D 98 -20.08 13.47 -17.15
CA PHE D 98 -21.40 13.42 -16.56
C PHE D 98 -22.42 12.92 -17.56
N SER D 99 -23.59 12.62 -17.03
CA SER D 99 -24.69 12.23 -17.86
C SER D 99 -25.93 12.89 -17.28
N SER D 100 -26.46 13.87 -18.02
CA SER D 100 -27.71 14.54 -17.64
C SER D 100 -28.89 13.94 -18.44
N ASP D 101 -28.56 13.43 -19.63
CA ASP D 101 -29.53 12.86 -20.59
C ASP D 101 -30.07 11.50 -20.15
N GLY D 102 -31.39 11.39 -20.18
CA GLY D 102 -32.07 10.24 -19.59
C GLY D 102 -32.63 10.70 -18.26
N ASP D 103 -32.55 9.83 -17.27
CA ASP D 103 -32.75 10.23 -15.87
C ASP D 103 -32.38 9.13 -14.85
N ASP D 104 -31.66 9.58 -13.83
CA ASP D 104 -30.92 8.80 -12.83
C ASP D 104 -29.50 9.42 -12.74
N LEU D 105 -29.44 10.75 -13.02
CA LEU D 105 -28.18 11.56 -13.23
C LEU D 105 -26.86 10.90 -12.84
N CYS D 106 -25.83 11.09 -13.68
CA CYS D 106 -24.51 10.53 -13.34
C CYS D 106 -23.36 11.57 -13.33
N LEU D 107 -22.35 11.26 -12.54
CA LEU D 107 -21.12 12.05 -12.53
C LEU D 107 -20.08 11.02 -12.66
N VAL D 108 -19.10 11.31 -13.53
CA VAL D 108 -17.99 10.37 -13.81
C VAL D 108 -16.71 11.08 -13.40
N TYR D 109 -15.86 10.33 -12.75
CA TYR D 109 -14.76 10.88 -12.02
C TYR D 109 -13.60 9.98 -12.34
N VAL D 110 -12.42 10.57 -12.42
CA VAL D 110 -11.28 9.73 -12.48
C VAL D 110 -11.52 8.84 -11.26
N TYR D 111 -11.07 7.57 -11.29
CA TYR D 111 -11.38 6.55 -10.30
C TYR D 111 -10.39 6.47 -9.14
N MET D 112 -10.91 6.33 -7.92
CA MET D 112 -10.01 6.22 -6.76
C MET D 112 -9.96 4.76 -6.22
N PRO D 113 -8.79 4.04 -6.32
CA PRO D 113 -8.64 2.59 -5.99
C PRO D 113 -8.64 2.16 -4.56
N ASN D 114 -8.44 3.10 -3.64
CA ASN D 114 -8.52 2.76 -2.29
C ASN D 114 -9.79 3.31 -1.60
N GLY D 115 -10.82 3.69 -2.35
CA GLY D 115 -12.09 4.03 -1.72
C GLY D 115 -11.98 5.13 -0.65
N SER D 116 -12.87 5.09 0.34
CA SER D 116 -13.06 6.20 1.26
C SER D 116 -12.08 6.03 2.41
N LEU D 117 -11.71 7.11 3.08
CA LEU D 117 -10.90 6.97 4.33
C LEU D 117 -11.63 6.16 5.46
N LEU D 118 -12.95 6.30 5.46
CA LEU D 118 -13.80 5.66 6.44
C LEU D 118 -13.57 4.15 6.36
N ASP D 119 -13.62 3.64 5.15
CA ASP D 119 -13.51 2.24 4.84
C ASP D 119 -12.09 1.70 5.03
N ARG D 120 -11.08 2.54 4.79
CA ARG D 120 -9.69 2.12 5.05
C ARG D 120 -9.41 2.15 6.52
N LEU D 121 -10.08 3.09 7.17
CA LEU D 121 -10.03 3.11 8.61
C LEU D 121 -10.76 1.91 9.25
N SER D 122 -11.83 1.40 8.67
CA SER D 122 -12.47 0.23 9.27
C SER D 122 -11.90 -1.11 8.78
N CYS D 123 -10.84 -1.04 7.94
CA CYS D 123 -10.34 -2.14 7.14
C CYS D 123 -11.46 -2.90 6.43
N LEU D 124 -12.45 -2.18 5.98
CA LEU D 124 -13.52 -2.79 5.22
C LEU D 124 -13.03 -3.69 4.05
N ASP D 125 -13.62 -4.90 3.92
CA ASP D 125 -13.21 -5.94 2.93
C ASP D 125 -11.81 -6.49 3.13
N GLY D 126 -11.26 -6.37 4.33
CA GLY D 126 -9.96 -6.98 4.69
C GLY D 126 -8.68 -6.27 4.31
N THR D 127 -8.76 -4.97 3.95
CA THR D 127 -7.56 -4.15 3.64
C THR D 127 -6.76 -4.04 4.88
N PRO D 128 -5.39 -3.95 4.80
CA PRO D 128 -4.58 -3.73 6.06
C PRO D 128 -4.69 -2.36 6.73
N PRO D 129 -4.54 -2.32 8.08
CA PRO D 129 -4.63 -1.09 8.86
C PRO D 129 -3.64 -0.12 8.24
N LEU D 130 -4.02 1.16 8.19
CA LEU D 130 -3.17 2.23 7.75
C LEU D 130 -2.13 2.46 8.82
N SER D 131 -0.86 2.60 8.43
CA SER D 131 0.21 2.93 9.36
C SER D 131 0.10 4.39 9.82
N TRP D 132 0.74 4.77 10.91
CA TRP D 132 0.67 6.12 11.37
C TRP D 132 1.30 7.06 10.35
N HIS D 133 2.36 6.59 9.68
CA HIS D 133 3.04 7.43 8.72
C HIS D 133 2.10 7.76 7.59
N MET D 134 1.40 6.75 7.08
CA MET D 134 0.34 7.03 6.08
C MET D 134 -0.80 7.92 6.61
N ARG D 135 -1.25 7.68 7.83
CA ARG D 135 -2.31 8.50 8.42
C ARG D 135 -1.93 9.99 8.41
N CYS D 136 -0.67 10.28 8.74
CA CYS D 136 -0.13 11.64 8.73
C CYS D 136 -0.18 12.30 7.36
N LYS D 137 0.25 11.56 6.34
CA LYS D 137 0.20 12.08 4.94
C LYS D 137 -1.21 12.44 4.50
N ILE D 138 -2.13 11.52 4.82
CA ILE D 138 -3.58 11.65 4.45
C ILE D 138 -4.23 12.87 5.11
N ALA D 139 -3.80 13.12 6.33
CA ALA D 139 -4.26 14.23 7.12
C ALA D 139 -3.77 15.55 6.52
N GLN D 140 -2.48 15.65 6.25
CA GLN D 140 -1.89 16.79 5.57
C GLN D 140 -2.55 16.99 4.21
N GLY D 141 -2.66 15.92 3.45
CA GLY D 141 -3.42 15.85 2.15
C GLY D 141 -4.82 16.46 2.24
N ALA D 142 -5.64 15.93 3.12
CA ALA D 142 -7.01 16.43 3.33
C ALA D 142 -7.09 17.94 3.70
N ALA D 143 -6.18 18.38 4.58
CA ALA D 143 -6.08 19.78 5.00
C ALA D 143 -5.69 20.66 3.80
N ASN D 144 -4.83 20.13 2.93
CA ASN D 144 -4.45 20.81 1.74
C ASN D 144 -5.59 20.97 0.77
N GLY D 145 -6.39 19.91 0.62
CA GLY D 145 -7.65 20.00 -0.16
C GLY D 145 -8.61 21.09 0.37
N ILE D 146 -8.96 20.99 1.63
CA ILE D 146 -9.77 22.00 2.31
C ILE D 146 -9.22 23.45 2.16
N ASN D 147 -7.91 23.67 2.39
CA ASN D 147 -7.28 24.93 2.12
C ASN D 147 -7.54 25.45 0.72
N PHE D 148 -7.44 24.62 -0.31
CA PHE D 148 -7.66 25.12 -1.65
C PHE D 148 -9.10 25.55 -1.80
N LEU D 149 -9.98 24.80 -1.18
CA LEU D 149 -11.42 25.18 -1.27
C LEU D 149 -11.68 26.55 -0.59
N HIS D 150 -11.13 26.72 0.60
CA HIS D 150 -11.27 28.00 1.32
C HIS D 150 -10.60 29.17 0.62
N GLU D 151 -9.38 28.99 0.07
CA GLU D 151 -8.67 30.03 -0.72
C GLU D 151 -9.54 30.54 -1.84
N ASN D 152 -10.33 29.62 -2.39
CA ASN D 152 -11.24 29.82 -3.49
C ASN D 152 -12.66 30.13 -3.05
N HIS D 153 -12.80 30.46 -1.79
CA HIS D 153 -14.06 30.96 -1.20
C HIS D 153 -15.27 30.01 -1.22
N HIS D 154 -14.99 28.75 -0.89
CA HIS D 154 -15.99 27.73 -0.82
C HIS D 154 -16.03 27.09 0.51
N ILE D 155 -17.24 26.87 1.00
CA ILE D 155 -17.42 26.11 2.19
C ILE D 155 -17.96 24.78 1.74
N HIS D 156 -17.35 23.69 2.18
CA HIS D 156 -17.78 22.39 1.83
C HIS D 156 -19.13 21.99 2.46
N ARG D 157 -19.25 22.14 3.77
CA ARG D 157 -20.46 21.79 4.49
C ARG D 157 -20.71 20.29 4.76
N ASP D 158 -19.83 19.42 4.30
CA ASP D 158 -20.03 18.02 4.67
C ASP D 158 -18.73 17.27 4.73
N ILE D 159 -17.79 17.72 5.56
CA ILE D 159 -16.45 17.20 5.57
C ILE D 159 -16.49 16.00 6.50
N LYS D 160 -16.12 14.83 5.97
CA LYS D 160 -16.33 13.52 6.75
C LYS D 160 -15.41 12.51 6.13
N SER D 161 -15.03 11.44 6.86
CA SER D 161 -14.17 10.38 6.34
C SER D 161 -14.71 9.72 5.06
N ALA D 162 -16.01 9.55 4.97
CA ALA D 162 -16.62 9.08 3.71
C ALA D 162 -16.38 9.97 2.45
N ASN D 163 -16.07 11.27 2.63
CA ASN D 163 -15.84 12.19 1.53
C ASN D 163 -14.39 12.48 1.33
N ILE D 164 -13.53 11.70 2.04
CA ILE D 164 -12.10 11.75 1.80
C ILE D 164 -11.76 10.45 1.06
N LEU D 165 -11.39 10.62 -0.21
CA LEU D 165 -11.15 9.45 -1.08
C LEU D 165 -9.66 9.23 -1.23
N LEU D 166 -9.27 8.04 -1.66
CA LEU D 166 -7.85 7.68 -1.57
C LEU D 166 -7.49 6.98 -2.87
N ASP D 167 -6.50 7.56 -3.56
CA ASP D 167 -5.95 6.99 -4.80
C ASP D 167 -4.96 5.81 -4.55
N GLU D 168 -4.51 5.21 -5.68
CA GLU D 168 -3.50 4.12 -5.67
C GLU D 168 -2.43 4.32 -4.65
N ALA D 169 -1.86 5.54 -4.55
CA ALA D 169 -0.85 5.82 -3.50
C ALA D 169 -1.41 6.42 -2.20
N PHE D 170 -2.73 6.39 -2.03
CA PHE D 170 -3.31 6.86 -0.76
C PHE D 170 -3.15 8.37 -0.57
N THR D 171 -3.06 9.06 -1.69
CA THR D 171 -3.25 10.55 -1.69
C THR D 171 -4.69 10.85 -1.34
N ALA D 172 -4.91 11.70 -0.34
CA ALA D 172 -6.27 12.02 0.05
C ALA D 172 -6.93 13.00 -0.92
N LYS D 173 -8.15 12.73 -1.30
CA LYS D 173 -8.82 13.65 -2.15
C LYS D 173 -10.23 13.94 -1.56
N ILE D 174 -10.56 15.21 -1.45
CA ILE D 174 -11.88 15.65 -0.93
C ILE D 174 -12.91 15.51 -2.06
N SER D 175 -14.09 15.00 -1.73
CA SER D 175 -15.16 14.76 -2.70
C SER D 175 -16.49 15.24 -2.14
N ASP D 176 -17.50 15.22 -2.99
CA ASP D 176 -18.90 15.58 -2.73
C ASP D 176 -19.10 17.08 -2.53
N PHE D 177 -19.31 17.77 -3.63
CA PHE D 177 -19.44 19.22 -3.61
C PHE D 177 -20.85 19.74 -3.87
N GLY D 178 -21.85 18.87 -3.80
CA GLY D 178 -23.26 19.23 -4.06
C GLY D 178 -23.90 20.22 -3.09
N LEU D 179 -23.32 20.35 -1.90
CA LEU D 179 -23.86 21.27 -0.95
C LEU D 179 -22.91 22.42 -0.67
N ALA D 180 -21.81 22.51 -1.44
CA ALA D 180 -20.84 23.58 -1.22
C ALA D 180 -21.47 24.95 -1.36
N ARG D 181 -20.99 25.90 -0.56
CA ARG D 181 -21.40 27.30 -0.71
C ARG D 181 -20.26 28.29 -0.87
N ALA D 182 -20.50 29.33 -1.65
CA ALA D 182 -19.63 30.50 -1.72
C ALA D 182 -19.60 31.24 -0.39
N SER D 183 -18.41 31.61 0.07
CA SER D 183 -18.24 32.43 1.25
C SER D 183 -17.93 33.87 0.84
N GLU D 184 -18.09 34.78 1.80
CA GLU D 184 -17.85 36.19 1.56
C GLU D 184 -16.66 36.67 2.40
N LYS D 185 -15.61 37.19 1.72
CA LYS D 185 -14.37 37.69 2.36
C LYS D 185 -14.52 38.04 3.85
N PHE D 186 -15.20 39.16 4.10
CA PHE D 186 -15.95 39.38 5.34
C PHE D 186 -17.19 40.24 5.04
N ALA D 187 -18.34 39.82 5.57
CA ALA D 187 -19.61 40.52 5.33
C ALA D 187 -20.54 40.38 6.54
N GLN D 188 -20.77 39.13 6.96
CA GLN D 188 -21.59 38.83 8.16
C GLN D 188 -21.92 37.34 8.33
N THR D 189 -22.26 36.96 9.56
CA THR D 189 -22.84 35.66 9.90
C THR D 189 -24.04 35.35 8.97
N VAL D 190 -23.90 34.33 8.11
CA VAL D 190 -24.97 33.92 7.18
C VAL D 190 -25.70 32.69 7.66
N MET D 191 -27.02 32.77 7.54
CA MET D 191 -27.93 31.76 7.98
C MET D 191 -28.70 31.01 6.87
N TPO D 192 -28.86 29.73 7.13
CA TPO D 192 -29.70 28.73 6.50
CB TPO D 192 -29.30 27.58 5.58
CG2 TPO D 192 -27.90 27.08 5.86
OG1 TPO D 192 -29.90 27.26 4.30
P TPO D 192 -30.30 28.05 3.08
O1P TPO D 192 -31.67 28.60 3.20
O2P TPO D 192 -30.38 27.05 1.98
O3P TPO D 192 -29.30 29.08 2.65
C TPO D 192 -31.06 28.49 7.01
O TPO D 192 -31.17 28.25 8.19
N SEP D 193 -32.05 28.35 6.14
CA SEP D 193 -33.30 27.69 6.53
CB SEP D 193 -34.49 28.35 5.85
OG SEP D 193 -34.20 28.63 4.51
C SEP D 193 -33.31 26.18 6.28
O SEP D 193 -34.19 25.48 6.76
P SEP D 193 -35.59 28.81 3.73
O1P SEP D 193 -36.40 30.06 4.37
O2P SEP D 193 -35.28 29.09 2.17
O3P SEP D 193 -36.47 27.46 3.95
N ARG D 194 -32.32 25.69 5.52
CA ARG D 194 -32.22 24.29 5.18
C ARG D 194 -30.92 23.75 5.76
N ILE D 195 -30.98 23.14 6.94
CA ILE D 195 -29.76 22.70 7.61
C ILE D 195 -29.31 21.40 6.95
N VAL D 196 -28.07 21.37 6.46
CA VAL D 196 -27.52 20.17 5.79
C VAL D 196 -26.21 19.79 6.46
N GLY D 197 -25.78 18.54 6.29
CA GLY D 197 -24.47 18.08 6.78
C GLY D 197 -24.69 16.74 7.40
N THR D 198 -23.71 16.21 8.08
CA THR D 198 -23.85 14.88 8.74
C THR D 198 -23.70 15.14 10.23
N THR D 199 -24.71 14.83 11.02
CA THR D 199 -24.81 15.38 12.39
C THR D 199 -23.61 15.11 13.31
N ALA D 200 -23.05 13.91 13.22
CA ALA D 200 -21.89 13.47 14.00
C ALA D 200 -20.59 14.23 13.72
N TYR D 201 -20.54 14.98 12.61
CA TYR D 201 -19.41 15.84 12.30
C TYR D 201 -19.75 17.34 12.41
N MET D 202 -20.96 17.69 12.81
CA MET D 202 -21.39 19.09 12.65
C MET D 202 -21.05 19.95 13.83
N ALA D 203 -20.59 21.16 13.51
CA ALA D 203 -20.29 22.19 14.51
C ALA D 203 -21.57 22.58 15.22
N PRO D 204 -21.49 23.11 16.45
CA PRO D 204 -22.70 23.66 17.09
C PRO D 204 -23.38 24.72 16.20
N GLU D 205 -22.61 25.66 15.61
CA GLU D 205 -23.26 26.74 14.81
C GLU D 205 -23.86 26.26 13.53
N ALA D 206 -23.39 25.10 13.05
CA ALA D 206 -23.88 24.57 11.80
C ALA D 206 -25.17 23.88 12.03
N LEU D 207 -25.28 23.27 13.21
CA LEU D 207 -26.51 22.61 13.63
C LEU D 207 -27.70 23.60 13.77
N ARG D 208 -27.42 24.87 13.94
CA ARG D 208 -28.47 25.88 14.15
C ARG D 208 -28.66 26.75 12.93
N GLY D 209 -27.92 26.48 11.85
CA GLY D 209 -28.20 27.03 10.54
C GLY D 209 -27.17 27.99 10.02
N GLU D 210 -26.08 28.16 10.75
CA GLU D 210 -25.12 29.11 10.34
C GLU D 210 -24.21 28.45 9.29
N ILE D 211 -23.67 29.27 8.40
CA ILE D 211 -22.86 28.84 7.29
C ILE D 211 -21.59 29.64 7.33
N THR D 212 -20.50 29.01 7.73
CA THR D 212 -19.20 29.66 7.84
C THR D 212 -18.09 28.64 7.55
N PRO D 213 -16.95 29.08 6.95
CA PRO D 213 -15.86 28.17 6.74
C PRO D 213 -15.37 27.55 8.04
N LYS D 214 -15.66 28.22 9.16
CA LYS D 214 -15.29 27.71 10.49
C LYS D 214 -15.91 26.35 10.84
N SER D 215 -17.10 26.05 10.30
CA SER D 215 -17.73 24.78 10.51
C SER D 215 -16.98 23.58 9.84
N ASP D 216 -16.41 23.83 8.66
CA ASP D 216 -15.54 22.84 8.03
C ASP D 216 -14.38 22.48 8.94
N ILE D 217 -13.74 23.49 9.55
CA ILE D 217 -12.60 23.20 10.45
C ILE D 217 -13.00 22.24 11.53
N TYR D 218 -14.16 22.51 12.17
CA TYR D 218 -14.68 21.66 13.28
C TYR D 218 -14.81 20.17 12.83
N SER D 219 -15.54 19.96 11.74
CA SER D 219 -15.72 18.69 11.06
C SER D 219 -14.37 17.98 10.72
N PHE D 220 -13.39 18.76 10.27
CA PHE D 220 -12.02 18.22 10.07
C PHE D 220 -11.41 17.75 11.37
N GLY D 221 -11.73 18.43 12.47
CA GLY D 221 -11.28 17.99 13.80
C GLY D 221 -11.79 16.59 14.19
N VAL D 222 -13.04 16.30 13.86
CA VAL D 222 -13.65 15.01 14.06
C VAL D 222 -12.97 13.87 13.19
N VAL D 223 -12.80 14.17 11.90
CA VAL D 223 -11.91 13.42 10.99
C VAL D 223 -10.55 13.14 11.62
N LEU D 224 -9.87 14.14 12.18
CA LEU D 224 -8.56 13.82 12.80
C LEU D 224 -8.71 12.86 13.95
N LEU D 225 -9.81 12.99 14.70
CA LEU D 225 -10.13 12.00 15.73
C LEU D 225 -10.37 10.59 15.20
N GLU D 226 -11.06 10.43 14.07
CA GLU D 226 -11.17 9.11 13.48
C GLU D 226 -9.81 8.51 13.12
N ILE D 227 -8.98 9.36 12.53
CA ILE D 227 -7.58 9.01 12.17
C ILE D 227 -6.74 8.43 13.33
N ILE D 228 -6.71 9.14 14.46
CA ILE D 228 -6.00 8.72 15.71
C ILE D 228 -6.49 7.40 16.32
N THR D 229 -7.82 7.29 16.46
CA THR D 229 -8.46 6.28 17.27
C THR D 229 -8.89 5.11 16.42
N GLY D 230 -9.11 5.31 15.12
CA GLY D 230 -9.64 4.27 14.23
C GLY D 230 -11.15 3.96 14.26
N LEU D 231 -11.84 4.78 15.05
CA LEU D 231 -13.23 4.57 15.43
C LEU D 231 -14.08 5.48 14.56
N PRO D 232 -15.26 5.00 14.10
CA PRO D 232 -16.05 5.91 13.30
C PRO D 232 -16.69 7.01 14.17
N ALA D 233 -17.02 8.15 13.55
CA ALA D 233 -17.65 9.28 14.28
C ALA D 233 -18.91 8.90 15.14
N VAL D 234 -19.81 8.09 14.59
CA VAL D 234 -20.96 7.58 15.38
C VAL D 234 -20.95 6.01 15.35
N ASP D 235 -21.26 5.41 16.48
CA ASP D 235 -21.44 3.96 16.60
C ASP D 235 -22.47 3.73 17.68
N GLU D 236 -23.61 3.26 17.19
CA GLU D 236 -24.84 3.09 17.89
C GLU D 236 -24.71 2.14 19.08
N HIS D 237 -23.78 1.18 19.00
CA HIS D 237 -23.71 0.14 20.01
C HIS D 237 -22.43 0.38 20.81
N ARG D 238 -21.96 1.63 20.81
CA ARG D 238 -20.76 2.02 21.51
C ARG D 238 -21.12 3.08 22.56
N GLU D 239 -20.28 3.15 23.58
CA GLU D 239 -20.44 4.16 24.61
C GLU D 239 -19.13 4.89 24.74
N PRO D 240 -19.08 6.22 24.39
CA PRO D 240 -20.15 7.12 23.89
C PRO D 240 -20.49 6.84 22.42
N GLN D 241 -21.73 7.02 22.04
CA GLN D 241 -22.08 6.78 20.66
C GLN D 241 -21.23 7.69 19.75
N LEU D 242 -20.97 8.93 20.20
CA LEU D 242 -20.34 9.96 19.36
C LEU D 242 -18.90 10.14 19.76
N LEU D 243 -18.00 10.02 18.78
CA LEU D 243 -16.55 10.19 19.01
C LEU D 243 -16.18 11.53 19.59
N LEU D 244 -16.86 12.58 19.08
CA LEU D 244 -16.88 13.92 19.68
C LEU D 244 -16.80 13.91 21.22
N ASP D 245 -17.68 13.14 21.84
CA ASP D 245 -17.68 12.97 23.30
C ASP D 245 -16.34 12.59 23.97
N ILE D 246 -15.37 11.97 23.25
CA ILE D 246 -14.09 11.58 23.88
C ILE D 246 -13.28 12.77 24.15
N LYS D 247 -13.40 13.79 23.30
CA LYS D 247 -12.66 14.99 23.59
C LYS D 247 -12.96 15.30 25.06
N GLU D 248 -14.23 15.42 25.42
CA GLU D 248 -14.59 15.84 26.78
C GLU D 248 -14.16 14.83 27.83
N GLU D 249 -14.31 13.54 27.55
CA GLU D 249 -13.83 12.50 28.47
C GLU D 249 -12.34 12.64 28.78
N ILE D 250 -11.55 12.95 27.74
CA ILE D 250 -10.10 13.09 27.83
C ILE D 250 -9.68 14.36 28.56
N GLU D 251 -10.48 15.41 28.38
CA GLU D 251 -10.25 16.74 28.96
C GLU D 251 -10.76 16.91 30.38
N ASP D 252 -11.83 16.19 30.76
CA ASP D 252 -12.26 16.08 32.13
C ASP D 252 -11.39 15.02 32.83
N GLU D 253 -10.30 14.63 32.16
CA GLU D 253 -9.28 13.66 32.62
C GLU D 253 -9.76 12.31 33.14
N GLU D 254 -11.02 12.01 32.82
CA GLU D 254 -11.63 10.71 33.06
C GLU D 254 -11.07 9.66 32.11
N LYS D 255 -9.98 9.97 31.41
CA LYS D 255 -9.55 9.26 30.18
C LYS D 255 -8.28 9.91 29.63
N THR D 256 -7.44 9.09 28.99
CA THR D 256 -6.24 9.56 28.31
C THR D 256 -6.37 9.35 26.80
N ILE D 257 -5.59 10.09 26.03
CA ILE D 257 -5.58 9.85 24.59
C ILE D 257 -4.87 8.50 24.25
N GLU D 258 -3.91 8.09 25.08
CA GLU D 258 -3.34 6.71 25.09
C GLU D 258 -4.45 5.65 25.07
N ASP D 259 -5.43 5.76 25.96
CA ASP D 259 -6.59 4.87 25.98
C ASP D 259 -7.21 4.67 24.60
N TYR D 260 -7.18 5.73 23.80
CA TYR D 260 -7.95 5.74 22.57
C TYR D 260 -7.15 5.54 21.27
N ILE D 261 -5.85 5.81 21.29
CA ILE D 261 -5.03 5.54 20.09
C ILE D 261 -5.33 4.19 19.48
N ASP D 262 -5.55 4.18 18.18
CA ASP D 262 -5.82 2.97 17.46
C ASP D 262 -4.72 1.92 17.77
N LYS D 263 -5.12 0.71 18.16
CA LYS D 263 -4.16 -0.33 18.55
C LYS D 263 -3.62 -1.10 17.30
N LYS D 264 -4.32 -0.99 16.18
CA LYS D 264 -3.91 -1.52 14.91
C LYS D 264 -2.78 -0.77 14.13
N MET D 265 -1.76 -0.28 14.86
CA MET D 265 -0.56 0.31 14.31
C MET D 265 0.60 0.07 15.24
N ASN D 266 1.79 -0.04 14.64
CA ASN D 266 3.06 -0.30 15.35
C ASN D 266 3.93 0.95 15.46
N ASP D 267 3.64 1.94 14.59
CA ASP D 267 4.52 3.10 14.38
C ASP D 267 4.01 4.42 14.89
N ALA D 268 3.05 4.42 15.82
CA ALA D 268 2.50 5.67 16.35
C ALA D 268 3.31 6.22 17.52
N ASP D 269 4.29 7.07 17.26
CA ASP D 269 5.08 7.68 18.34
C ASP D 269 4.26 8.66 19.18
N SER D 270 4.25 8.44 20.48
CA SER D 270 3.56 9.30 21.46
C SER D 270 3.47 10.79 21.14
N THR D 271 4.60 11.38 20.78
CA THR D 271 4.74 12.79 20.50
C THR D 271 3.96 13.24 19.27
N SER D 272 4.04 12.49 18.18
CA SER D 272 3.28 12.90 17.01
C SER D 272 1.77 12.62 17.13
N VAL D 273 1.36 11.57 17.84
CA VAL D 273 -0.05 11.33 18.14
C VAL D 273 -0.61 12.46 19.03
N GLU D 274 0.17 12.95 20.01
CA GLU D 274 -0.26 14.04 20.87
C GLU D 274 -0.38 15.35 20.09
N ALA D 275 0.53 15.54 19.15
CA ALA D 275 0.56 16.70 18.30
C ALA D 275 -0.66 16.69 17.37
N MET D 276 -1.09 15.51 16.91
CA MET D 276 -2.26 15.47 16.02
C MET D 276 -3.50 15.75 16.87
N TYR D 277 -3.58 15.08 18.00
CA TYR D 277 -4.70 15.31 18.93
C TYR D 277 -4.91 16.79 19.30
N SER D 278 -3.80 17.46 19.54
CA SER D 278 -3.81 18.85 19.89
C SER D 278 -4.31 19.74 18.72
N VAL D 279 -3.96 19.43 17.48
CA VAL D 279 -4.59 20.08 16.31
C VAL D 279 -6.10 19.78 16.32
N ALA D 280 -6.45 18.55 16.62
CA ALA D 280 -7.85 18.12 16.55
C ALA D 280 -8.66 18.88 17.63
N SER D 281 -8.03 19.08 18.77
CA SER D 281 -8.66 19.70 19.94
C SER D 281 -8.95 21.18 19.65
N GLN D 282 -8.00 21.86 19.01
CA GLN D 282 -8.16 23.24 18.61
C GLN D 282 -9.31 23.38 17.61
N CYS D 283 -9.33 22.50 16.59
CA CYS D 283 -10.35 22.53 15.53
C CYS D 283 -11.69 22.37 16.17
N LEU D 284 -11.70 21.67 17.30
CA LEU D 284 -12.92 21.33 17.99
C LEU D 284 -13.32 22.33 19.11
N HIS D 285 -12.78 23.55 19.10
CA HIS D 285 -13.29 24.51 20.10
C HIS D 285 -14.74 24.77 19.83
N GLU D 286 -15.56 24.67 20.88
CA GLU D 286 -17.00 24.84 20.74
C GLU D 286 -17.31 26.25 20.16
N LYS D 287 -16.52 27.25 20.54
CA LYS D 287 -16.63 28.62 20.01
C LYS D 287 -15.94 28.76 18.65
N LYS D 288 -16.72 28.95 17.59
CA LYS D 288 -16.14 29.12 16.23
C LYS D 288 -14.90 30.05 16.10
N ASN D 289 -14.87 31.19 16.80
CA ASN D 289 -13.76 32.15 16.62
C ASN D 289 -12.43 31.82 17.31
N LYS D 290 -12.44 30.81 18.17
CA LYS D 290 -11.24 30.36 18.79
C LYS D 290 -10.56 29.25 17.97
N ARG D 291 -11.29 28.64 17.02
CA ARG D 291 -10.72 27.61 16.12
C ARG D 291 -9.65 28.17 15.19
N PRO D 292 -8.64 27.33 14.86
CA PRO D 292 -7.67 27.72 13.88
C PRO D 292 -8.37 27.87 12.53
N ASP D 293 -7.94 28.80 11.68
CA ASP D 293 -8.34 28.70 10.28
C ASP D 293 -7.53 27.58 9.51
N ILE D 294 -8.04 27.08 8.39
CA ILE D 294 -7.35 26.01 7.63
C ILE D 294 -5.85 26.19 7.40
N LYS D 295 -5.40 27.41 7.04
CA LYS D 295 -3.98 27.67 6.82
C LYS D 295 -3.11 27.34 8.03
N LYS D 296 -3.57 27.71 9.22
CA LYS D 296 -2.95 27.35 10.48
C LYS D 296 -2.96 25.81 10.77
N VAL D 297 -4.11 25.16 10.61
CA VAL D 297 -4.21 23.70 10.72
C VAL D 297 -3.15 23.03 9.82
N GLN D 298 -3.06 23.52 8.59
CA GLN D 298 -2.12 23.03 7.60
C GLN D 298 -0.67 23.24 8.05
N GLN D 299 -0.40 24.37 8.67
CA GLN D 299 0.91 24.62 9.27
C GLN D 299 1.16 23.75 10.49
N LEU D 300 0.14 23.53 11.30
CA LEU D 300 0.32 22.69 12.50
C LEU D 300 0.64 21.23 12.16
N LEU D 301 -0.04 20.72 11.13
CA LEU D 301 0.17 19.37 10.66
C LEU D 301 1.56 19.19 10.03
N GLN D 302 2.00 20.17 9.22
CA GLN D 302 3.39 20.21 8.74
C GLN D 302 4.38 20.14 9.89
N GLU D 303 4.23 20.94 10.95
CA GLU D 303 5.21 20.92 12.09
C GLU D 303 5.17 19.58 12.86
N MET D 304 4.07 18.86 12.72
CA MET D 304 3.86 17.61 13.43
C MET D 304 4.81 16.53 12.93
N THR D 305 5.12 16.58 11.64
CA THR D 305 5.98 15.60 10.98
C THR D 305 7.34 16.21 10.57
S SO4 E . -22.94 -15.14 -0.29
O1 SO4 E . -23.38 -13.81 -0.76
O2 SO4 E . -23.60 -15.46 0.96
O3 SO4 E . -21.60 -14.85 0.20
O4 SO4 E . -22.98 -16.22 -1.29
O56 T12 F . 2.45 -20.83 26.76
N54 T12 F . 2.76 -19.70 25.98
O55 T12 F . 2.46 -18.43 26.54
C13 T12 F . 3.33 -19.84 24.70
C12 T12 F . 3.61 -21.12 24.17
C11 T12 F . 4.22 -21.28 22.91
C10 T12 F . 4.52 -20.13 22.17
C14 T12 F . 3.64 -18.70 23.96
C15 T12 F . 4.23 -18.85 22.70
C51 T12 F . 4.52 -17.62 21.89
O53 T12 F . 5.29 -17.69 20.86
N50 T12 F . 4.03 -16.47 22.20
C21 T12 F . 3.98 -15.40 21.37
N22 T12 F . 4.42 -15.37 20.07
C3 T12 F . 4.20 -14.07 19.70
C4 T12 F . 4.35 -13.43 18.49
C5 T12 F . 3.95 -12.10 18.40
O23 T12 F . 4.17 -11.50 17.34
C24 T12 F . 3.21 -11.48 16.26
O26 T12 F . 2.17 -12.21 16.43
C25 T12 F . 3.46 -10.53 15.12
C35 T12 F . 2.76 -10.91 13.81
C31 T12 F . 2.88 -9.22 15.63
C27 T12 F . 4.96 -10.51 14.91
C6 T12 F . 3.39 -11.41 19.45
C2 T12 F . 3.55 -13.39 20.74
C1 T12 F . 3.18 -12.09 20.63
N20 T12 F . 3.49 -14.26 21.78
C39 T12 F . 2.96 -13.93 23.03
C40 T12 F . 1.61 -14.35 23.58
C43 T12 F . 0.51 -14.19 22.55
O46 T12 F . 0.37 -12.80 22.28
S SO4 G . -7.02 0.00 -27.40
O1 SO4 G . -7.46 1.17 -28.17
O2 SO4 G . -8.14 -0.42 -26.54
O3 SO4 G . -5.80 0.28 -26.61
O4 SO4 G . -6.73 -1.16 -28.23
O56 T12 H . 13.10 28.47 -12.75
N54 T12 H . 12.97 27.59 -11.64
O55 T12 H . 14.09 26.84 -11.20
C13 T12 H . 11.75 27.45 -10.94
C12 T12 H . 10.72 28.35 -11.17
C11 T12 H . 9.50 28.25 -10.50
C10 T12 H . 9.34 27.20 -9.55
C14 T12 H . 11.57 26.41 -10.01
C15 T12 H . 10.36 26.30 -9.30
C51 T12 H . 10.17 25.17 -8.32
O53 T12 H . 9.08 25.11 -7.61
N50 T12 H . 11.06 24.20 -8.28
C21 T12 H . 10.81 23.00 -7.71
N22 T12 H . 9.67 22.63 -7.09
C3 T12 H . 9.95 21.34 -6.71
C4 T12 H . 9.24 20.40 -6.00
C5 T12 H . 9.85 19.15 -5.71
O23 T12 H . 9.23 18.28 -5.09
C24 T12 H . 8.33 17.31 -5.64
O26 T12 H . 8.02 17.44 -6.90
C25 T12 H . 7.85 16.16 -4.77
C35 T12 H . 6.48 15.73 -5.32
C31 T12 H . 8.83 15.01 -4.87
C27 T12 H . 7.77 16.55 -3.30
C6 T12 H . 11.10 18.83 -6.11
C2 T12 H . 11.25 21.00 -7.09
C1 T12 H . 11.84 19.77 -6.79
N20 T12 H . 11.73 22.08 -7.70
C39 T12 H . 13.06 22.14 -8.26
C40 T12 H . 13.20 22.22 -9.79
C43 T12 H . 12.75 20.93 -10.43
O46 T12 H . 13.42 19.87 -9.70
O56 T12 I . 2.18 -20.16 -8.92
N54 T12 I . 1.30 -19.11 -9.29
O55 T12 I . 1.38 -18.68 -10.61
C13 T12 I . 0.46 -18.43 -8.41
C12 T12 I . 0.20 -18.89 -7.13
C11 T12 I . -0.58 -18.12 -6.29
C10 T12 I . -1.11 -16.90 -6.71
C14 T12 I . -0.06 -17.21 -8.82
C15 T12 I . -0.82 -16.45 -7.97
C51 T12 I . -1.35 -15.14 -8.41
O53 T12 I . -2.03 -14.51 -7.51
N50 T12 I . -1.10 -14.59 -9.63
C21 T12 I . -1.27 -13.24 -9.87
N22 T12 I . -1.82 -12.32 -9.11
C3 T12 I . -1.72 -11.10 -9.79
C4 T12 I . -2.11 -9.77 -9.51
C5 T12 I . -1.84 -8.70 -10.43
O23 T12 I . -2.19 -7.51 -10.22
C24 T12 I . -1.58 -6.41 -9.48
O26 T12 I . -0.49 -6.58 -8.77
C25 T12 I . -2.15 -5.01 -9.51
C35 T12 I . -1.68 -4.25 -8.26
C31 T12 I . -1.70 -4.24 -10.75
C27 T12 I . -3.69 -5.08 -9.49
C6 T12 I . -1.20 -8.96 -11.63
C2 T12 I . -1.05 -11.31 -10.98
C1 T12 I . -0.82 -10.27 -11.88
N20 T12 I . -0.82 -12.64 -10.97
C39 T12 I . -0.18 -13.36 -11.95
C40 T12 I . 1.17 -13.99 -11.60
C43 T12 I . 2.09 -12.87 -11.11
O46 T12 I . 2.25 -12.01 -12.23
O56 T12 J . -18.05 11.76 -6.08
N54 T12 J . -17.69 10.43 -5.89
O55 T12 J . -18.54 9.54 -5.23
C13 T12 J . -16.48 9.91 -6.37
C12 T12 J . -15.63 10.71 -7.12
C11 T12 J . -14.45 10.16 -7.60
C10 T12 J . -14.17 8.81 -7.33
C14 T12 J . -16.21 8.55 -6.13
C15 T12 J . -15.06 7.98 -6.61
C51 T12 J . -14.72 6.56 -6.34
O53 T12 J . -13.64 6.11 -6.94
N50 T12 J . -15.43 5.76 -5.53
C21 T12 J . -14.96 4.54 -5.04
N22 T12 J . -13.78 3.95 -5.34
C3 T12 J . -13.70 2.81 -4.57
C4 T12 J . -12.76 1.78 -4.46
C5 T12 J . -12.94 0.68 -3.55
O23 T12 J . -12.08 -0.25 -3.47
C24 T12 J . -11.15 -0.47 -2.38
O26 T12 J . -10.97 0.50 -1.48
C25 T12 J . -10.41 -1.77 -2.19
C35 T12 J . -9.02 -1.50 -1.58
C31 T12 J . -11.25 -2.61 -1.22
C27 T12 J . -10.17 -2.50 -3.53
C6 T12 J . -14.11 0.61 -2.77
C2 T12 J . -14.86 2.73 -3.77
C1 T12 J . -15.06 1.63 -2.88
N20 T12 J . -15.56 3.80 -4.10
C39 T12 J . -16.76 4.15 -3.51
C40 T12 J . -16.80 5.39 -2.62
C43 T12 J . -16.29 5.11 -1.22
O46 T12 J . -16.36 3.71 -0.88
#